data_4AAO
#
_entry.id   4AAO
#
_cell.length_a   118.719
_cell.length_b   118.719
_cell.length_c   245.980
_cell.angle_alpha   90.00
_cell.angle_beta   90.00
_cell.angle_gamma   120.00
#
_symmetry.space_group_name_H-M   'P 65 2 2'
#
loop_
_entity.id
_entity.type
_entity.pdbx_description
1 polymer 'CYTOCHROME C551 PEROXIDASE'
2 non-polymer 'HEME C'
3 non-polymer 'CALCIUM ION'
4 non-polymer 'SULFATE ION'
5 water water
#
_entity_poly.entity_id   1
_entity_poly.type   'polypeptide(L)'
_entity_poly.pdbx_seq_one_letter_code
;WSHPQFEKGAETAVPNSEDVMKRAQGLFKPIPAKPPVMKDNPASPSRVELGRMLFFDPRLSASHLISCNTCHNVGLGGTD
ILETSIGGGWQKGPRNSPTVLNAVYNIAQFWDGRAEDLAAQAKGPVQASVEMNNKPENLVATLKSIPGYPPLFRKAFPGQ
GDPVTFDNVAKAIEVFEATLVTPDAPFDKYLKGNRKAISSTAEQGLALFLDKGCAACHSGVNMGGTGYFPFGVREDPGPV
VRPVDDTGRYKVTSTAADKYVFRSPSLRNVAITMPYFHSGKVWKLKDAVKIMGSAQLGISITDADADKIVTFLNTLTGAQ
PKVMHPVLPPNSDDTPRPVSN
;
_entity_poly.pdbx_strand_id   A,B
#
loop_
_chem_comp.id
_chem_comp.type
_chem_comp.name
_chem_comp.formula
CA non-polymer 'CALCIUM ION' 'Ca 2'
HEC non-polymer 'HEME C' 'C34 H34 Fe N4 O4'
SO4 non-polymer 'SULFATE ION' 'O4 S -2'
#
# COMPACT_ATOMS: atom_id res chain seq x y z
N GLU A 18 7.30 -31.82 7.98
CA GLU A 18 6.12 -31.17 8.62
C GLU A 18 5.37 -30.33 7.60
N ASP A 19 4.11 -30.70 7.35
CA ASP A 19 3.18 -29.90 6.54
C ASP A 19 3.02 -28.46 7.09
N VAL A 20 2.78 -28.35 8.41
CA VAL A 20 2.55 -27.06 9.07
C VAL A 20 3.76 -26.14 8.91
N MET A 21 4.96 -26.65 9.17
CA MET A 21 6.16 -25.90 8.91
C MET A 21 6.29 -25.38 7.48
N LYS A 22 6.02 -26.27 6.52
CA LYS A 22 6.18 -25.96 5.11
C LYS A 22 5.17 -24.89 4.64
N ARG A 23 3.93 -25.05 5.12
CA ARG A 23 2.90 -24.05 4.92
C ARG A 23 3.33 -22.72 5.56
N ALA A 24 3.97 -22.77 6.76
CA ALA A 24 4.44 -21.50 7.39
C ALA A 24 5.50 -20.84 6.54
N GLN A 25 6.49 -21.62 6.10
CA GLN A 25 7.55 -21.12 5.22
C GLN A 25 7.05 -20.54 3.88
N GLY A 26 5.87 -20.98 3.45
CA GLY A 26 5.23 -20.33 2.30
C GLY A 26 4.63 -18.95 2.60
N LEU A 27 3.98 -18.80 3.74
CA LEU A 27 3.29 -17.55 4.08
C LEU A 27 4.14 -16.42 4.71
N PHE A 28 5.25 -16.78 5.35
CA PHE A 28 6.02 -15.84 6.13
C PHE A 28 7.48 -15.98 5.75
N LYS A 29 8.30 -14.97 6.09
CA LYS A 29 9.74 -15.12 5.96
C LYS A 29 10.35 -14.49 7.22
N PRO A 30 11.56 -14.94 7.58
CA PRO A 30 12.17 -14.40 8.81
C PRO A 30 12.76 -13.00 8.60
N ILE A 31 12.78 -12.20 9.66
CA ILE A 31 13.39 -10.88 9.60
C ILE A 31 14.90 -11.06 9.46
N PRO A 32 15.52 -10.54 8.36
CA PRO A 32 16.98 -10.51 8.23
C PRO A 32 17.66 -9.68 9.29
N ALA A 33 18.86 -10.12 9.67
CA ALA A 33 19.73 -9.44 10.62
C ALA A 33 20.18 -8.10 10.06
N LYS A 34 20.51 -8.08 8.79
CA LYS A 34 21.01 -6.87 8.18
C LYS A 34 19.88 -5.83 7.96
N PRO A 35 20.11 -4.56 8.33
CA PRO A 35 19.14 -3.51 7.98
C PRO A 35 18.91 -3.54 6.46
N PRO A 36 17.63 -3.50 6.01
CA PRO A 36 17.34 -3.51 4.55
C PRO A 36 17.90 -2.17 3.92
N VAL A 37 18.48 -2.21 2.71
CA VAL A 37 18.81 -0.98 1.98
C VAL A 37 17.47 -0.25 1.58
N MET A 38 17.37 1.06 1.78
CA MET A 38 16.28 1.89 1.23
C MET A 38 16.76 2.40 -0.13
N LYS A 39 16.01 2.13 -1.20
CA LYS A 39 16.33 2.75 -2.51
C LYS A 39 16.17 4.27 -2.44
N ASP A 40 17.17 4.99 -2.95
CA ASP A 40 17.19 6.45 -2.97
C ASP A 40 17.50 7.04 -1.59
N ASN A 41 17.79 6.20 -0.59
CA ASN A 41 18.21 6.74 0.71
C ASN A 41 19.40 5.98 1.35
N PRO A 42 20.59 6.15 0.79
CA PRO A 42 21.60 5.17 1.23
C PRO A 42 22.10 5.45 2.64
N ALA A 43 22.38 4.40 3.38
CA ALA A 43 22.70 4.45 4.78
C ALA A 43 24.17 4.68 4.72
N SER A 44 24.69 5.47 5.64
CA SER A 44 26.11 5.70 5.86
C SER A 44 26.19 5.96 7.38
N PRO A 45 27.33 5.68 8.04
CA PRO A 45 27.51 5.90 9.46
C PRO A 45 27.02 7.23 9.90
N SER A 46 27.47 8.29 9.27
CA SER A 46 27.10 9.61 9.76
C SER A 46 25.57 9.91 9.54
N ARG A 47 24.95 9.31 8.52
CA ARG A 47 23.53 9.51 8.31
C ARG A 47 22.71 8.72 9.33
N VAL A 48 23.13 7.48 9.58
CA VAL A 48 22.53 6.66 10.64
C VAL A 48 22.70 7.35 12.06
N GLU A 49 23.91 7.89 12.34
CA GLU A 49 24.15 8.61 13.57
C GLU A 49 23.18 9.80 13.72
N LEU A 50 23.09 10.62 12.68
CA LEU A 50 22.23 11.78 12.69
C LEU A 50 20.75 11.40 12.89
N GLY A 51 20.29 10.38 12.19
CA GLY A 51 18.97 9.83 12.36
C GLY A 51 18.72 9.42 13.82
N ARG A 52 19.75 8.85 14.47
CA ARG A 52 19.55 8.44 15.85
C ARG A 52 19.39 9.68 16.76
N MET A 53 20.17 10.72 16.51
CA MET A 53 20.09 11.94 17.30
C MET A 53 18.73 12.56 17.17
N LEU A 54 18.27 12.65 15.93
CA LEU A 54 17.00 13.25 15.70
C LEU A 54 15.90 12.48 16.36
N PHE A 55 16.06 11.15 16.35
CA PHE A 55 14.98 10.33 16.86
C PHE A 55 14.76 10.65 18.37
N PHE A 56 15.81 11.02 19.09
CA PHE A 56 15.71 11.09 20.57
C PHE A 56 15.69 12.59 20.93
N ASP A 57 15.74 13.48 19.94
CA ASP A 57 15.79 14.93 20.24
C ASP A 57 14.37 15.52 20.43
N PRO A 58 14.02 15.92 21.67
CA PRO A 58 12.64 16.38 21.88
C PRO A 58 12.47 17.79 21.32
N ARG A 59 13.56 18.41 20.85
CA ARG A 59 13.41 19.70 20.17
C ARG A 59 12.75 19.57 18.75
N LEU A 60 12.51 18.35 18.26
CA LEU A 60 11.72 18.23 17.06
C LEU A 60 10.24 18.44 17.33
N SER A 61 9.81 18.57 18.61
CA SER A 61 8.47 18.97 18.94
C SER A 61 8.48 20.42 19.34
N ALA A 62 7.40 21.13 19.10
CA ALA A 62 7.33 22.55 19.42
C ALA A 62 7.50 22.81 20.93
N SER A 63 7.05 21.88 21.78
CA SER A 63 7.16 22.06 23.24
C SER A 63 8.56 21.74 23.77
N HIS A 64 9.38 21.10 22.92
CA HIS A 64 10.75 20.63 23.28
C HIS A 64 10.74 19.53 24.31
N LEU A 65 9.62 18.83 24.47
CA LEU A 65 9.51 17.74 25.46
C LEU A 65 9.32 16.36 24.88
N ILE A 66 8.89 16.29 23.63
CA ILE A 66 8.43 15.03 22.97
C ILE A 66 9.32 14.67 21.82
N SER A 67 9.95 13.48 21.86
CA SER A 67 10.77 12.98 20.75
C SER A 67 10.04 11.82 20.14
N CYS A 68 10.58 11.25 19.07
CA CYS A 68 9.99 10.06 18.46
C CYS A 68 9.91 8.96 19.50
N ASN A 69 10.97 8.82 20.27
CA ASN A 69 11.07 7.82 21.37
C ASN A 69 9.98 7.91 22.42
N THR A 70 9.37 9.08 22.57
CA THR A 70 8.21 9.21 23.54
C THR A 70 7.06 8.30 23.13
N CYS A 71 6.72 8.30 21.83
CA CYS A 71 5.58 7.50 21.41
C CYS A 71 6.05 6.15 20.80
N HIS A 72 7.29 6.08 20.37
CA HIS A 72 7.82 4.86 19.79
C HIS A 72 9.03 4.53 20.62
N ASN A 73 8.79 4.06 21.85
CA ASN A 73 9.84 3.93 22.84
C ASN A 73 10.65 2.65 22.53
N VAL A 74 11.93 2.79 22.25
CA VAL A 74 12.72 1.53 21.95
C VAL A 74 12.81 0.59 23.16
N GLY A 75 12.52 1.09 24.36
CA GLY A 75 12.59 0.23 25.52
C GLY A 75 11.31 -0.52 25.79
N LEU A 76 10.22 -0.11 25.12
CA LEU A 76 8.88 -0.74 25.28
C LEU A 76 8.33 -1.20 23.94
N GLY A 77 9.09 -2.02 23.23
CA GLY A 77 8.59 -2.58 21.91
C GLY A 77 8.37 -1.59 20.78
N GLY A 78 9.00 -0.42 20.85
CA GLY A 78 8.84 0.58 19.80
C GLY A 78 7.48 1.31 19.85
N THR A 79 6.74 1.23 20.97
CA THR A 79 5.41 1.89 21.13
C THR A 79 5.39 2.52 22.52
N ASP A 80 4.26 2.94 23.10
CA ASP A 80 4.35 3.66 24.42
C ASP A 80 3.41 3.11 25.48
N ILE A 81 2.76 1.99 25.19
CA ILE A 81 1.85 1.32 26.12
C ILE A 81 0.75 2.24 26.70
N LEU A 82 0.20 3.08 25.83
CA LEU A 82 -0.97 3.90 26.06
C LEU A 82 -1.94 3.57 24.96
N GLU A 83 -3.22 3.81 25.21
CA GLU A 83 -4.22 3.65 24.17
C GLU A 83 -3.91 4.57 22.98
N THR A 84 -3.94 5.89 23.19
CA THR A 84 -3.51 6.91 22.25
C THR A 84 -2.84 8.00 23.13
N SER A 85 -2.31 9.07 22.54
CA SER A 85 -0.96 9.66 22.82
C SER A 85 -0.42 10.28 24.12
N GLY A 93 -8.39 12.15 14.39
CA GLY A 93 -8.88 11.06 15.25
C GLY A 93 -7.65 10.42 15.89
N PRO A 94 -7.70 10.18 17.22
CA PRO A 94 -6.57 9.59 17.98
C PRO A 94 -6.33 8.14 17.56
N ARG A 95 -5.07 7.74 17.50
CA ARG A 95 -4.68 6.41 17.09
C ARG A 95 -3.62 5.86 18.03
N ASN A 96 -3.57 4.54 18.17
CA ASN A 96 -2.54 3.85 18.95
C ASN A 96 -1.20 3.97 18.19
N SER A 97 -0.09 4.27 18.86
CA SER A 97 1.18 4.32 18.14
C SER A 97 1.71 2.97 17.73
N PRO A 98 1.80 2.71 16.43
CA PRO A 98 2.30 1.44 16.00
C PRO A 98 3.76 1.33 16.32
N THR A 99 4.33 0.12 16.43
CA THR A 99 5.77 0.02 16.73
C THR A 99 6.64 0.56 15.60
N VAL A 100 7.76 1.23 15.93
CA VAL A 100 8.79 1.49 14.89
C VAL A 100 9.59 0.25 14.58
N LEU A 101 9.60 -0.71 15.47
CA LEU A 101 10.45 -1.89 15.17
C LEU A 101 9.90 -2.60 13.91
N ASN A 102 10.82 -2.90 13.00
CA ASN A 102 10.49 -3.50 11.67
C ASN A 102 9.49 -2.70 10.85
N ALA A 103 9.14 -1.47 11.23
CA ALA A 103 8.20 -0.66 10.39
C ALA A 103 8.77 -0.50 9.00
N VAL A 104 10.08 -0.59 8.88
CA VAL A 104 10.64 -0.45 7.51
C VAL A 104 10.11 -1.60 6.59
N TYR A 105 9.56 -2.68 7.18
CA TYR A 105 9.03 -3.82 6.33
C TYR A 105 7.50 -3.73 6.05
N ASN A 106 6.83 -2.71 6.57
CA ASN A 106 5.43 -2.50 6.32
C ASN A 106 5.21 -1.94 4.92
N ILE A 107 4.30 -2.49 4.15
CA ILE A 107 3.97 -1.80 2.88
C ILE A 107 2.92 -0.73 3.15
N ALA A 108 1.86 -1.10 3.84
CA ALA A 108 0.82 -0.18 4.26
C ALA A 108 1.33 0.66 5.44
N GLN A 109 1.27 1.98 5.26
CA GLN A 109 1.99 2.91 6.12
C GLN A 109 1.09 3.53 7.20
N PHE A 110 -0.23 3.47 7.07
CA PHE A 110 -1.16 4.14 7.96
C PHE A 110 -2.18 3.17 8.49
N TRP A 111 -2.71 3.43 9.71
CA TRP A 111 -3.81 2.64 10.29
C TRP A 111 -5.03 2.52 9.42
N ASP A 112 -5.46 3.61 8.80
CA ASP A 112 -6.74 3.57 8.12
C ASP A 112 -6.87 4.77 7.21
N GLY A 113 -7.80 4.72 6.26
CA GLY A 113 -8.20 5.88 5.48
C GLY A 113 -9.12 5.43 4.33
N ARG A 114 -9.48 6.34 3.45
CA ARG A 114 -10.15 5.97 2.20
C ARG A 114 -9.14 5.48 1.17
N ALA A 115 -9.58 4.54 0.34
CA ALA A 115 -8.73 3.99 -0.75
C ALA A 115 -7.98 5.07 -1.57
N GLU A 116 -8.71 6.01 -2.14
CA GLU A 116 -8.08 7.06 -2.90
C GLU A 116 -7.01 7.87 -2.18
N ASP A 117 -7.08 8.04 -0.84
CA ASP A 117 -6.12 8.91 -0.14
C ASP A 117 -4.90 8.09 0.25
N LEU A 118 -5.11 6.83 0.59
CA LEU A 118 -3.99 5.98 0.91
C LEU A 118 -3.23 5.77 -0.42
N ALA A 119 -3.96 5.77 -1.54
CA ALA A 119 -3.33 5.70 -2.85
C ALA A 119 -2.48 6.94 -3.04
N ALA A 120 -3.15 8.04 -3.39
CA ALA A 120 -2.55 9.32 -3.75
C ALA A 120 -2.16 10.07 -2.49
N ALA A 122 0.70 11.23 -0.23
CA ALA A 122 1.46 12.48 0.04
C ALA A 122 2.44 12.40 1.25
N LYS A 123 2.00 12.90 2.41
CA LYS A 123 2.80 12.78 3.64
C LYS A 123 2.97 11.29 3.94
N GLY A 124 4.20 10.87 4.23
CA GLY A 124 4.48 9.61 4.88
C GLY A 124 4.44 9.77 6.42
N PRO A 125 4.61 8.65 7.11
CA PRO A 125 4.43 8.52 8.57
C PRO A 125 5.35 9.45 9.40
N VAL A 126 6.60 9.64 8.97
CA VAL A 126 7.50 10.61 9.68
C VAL A 126 6.95 12.05 9.75
N GLN A 127 6.64 12.57 8.58
CA GLN A 127 6.06 13.89 8.43
C GLN A 127 4.74 13.98 9.19
N ALA A 128 3.89 12.97 9.03
CA ALA A 128 2.58 12.99 9.73
C ALA A 128 2.81 13.07 11.26
N SER A 129 3.72 12.21 11.74
CA SER A 129 4.04 12.15 13.17
C SER A 129 4.54 13.54 13.71
N VAL A 130 5.43 14.16 12.98
CA VAL A 130 5.99 15.49 13.29
C VAL A 130 4.89 16.55 13.40
N GLU A 131 3.93 16.50 12.47
CA GLU A 131 2.88 17.49 12.47
C GLU A 131 1.91 17.31 13.59
N MET A 132 1.99 16.21 14.29
CA MET A 132 1.16 16.06 15.44
C MET A 132 1.49 17.13 16.50
N ASN A 133 2.73 17.58 16.57
CA ASN A 133 3.14 18.44 17.73
C ASN A 133 4.11 19.50 17.26
N ASN A 134 4.15 19.76 15.95
CA ASN A 134 5.10 20.72 15.38
C ASN A 134 4.73 21.15 13.97
N LYS A 135 5.37 22.22 13.52
CA LYS A 135 5.34 22.64 12.10
C LYS A 135 6.72 22.40 11.53
N PRO A 136 6.78 21.76 10.36
CA PRO A 136 8.04 21.47 9.64
C PRO A 136 9.01 22.63 9.57
N GLU A 137 8.48 23.80 9.21
CA GLU A 137 9.30 24.98 9.10
C GLU A 137 9.91 25.41 10.47
N ASN A 138 9.17 25.32 11.57
CA ASN A 138 9.70 25.63 12.91
C ASN A 138 10.76 24.55 13.23
N LEU A 139 10.49 23.30 12.83
CA LEU A 139 11.45 22.24 13.11
C LEU A 139 12.85 22.52 12.47
N VAL A 140 12.81 22.90 11.19
CA VAL A 140 14.01 23.16 10.40
C VAL A 140 14.69 24.46 10.90
N ALA A 141 13.92 25.49 11.21
CA ALA A 141 14.54 26.68 11.73
C ALA A 141 15.14 26.38 13.10
N THR A 142 14.52 25.49 13.86
CA THR A 142 15.13 25.10 15.16
C THR A 142 16.42 24.33 15.02
N LEU A 143 16.42 23.35 14.14
CA LEU A 143 17.68 22.61 13.83
C LEU A 143 18.84 23.55 13.40
N LYS A 144 18.53 24.51 12.52
CA LYS A 144 19.55 25.47 12.05
C LYS A 144 20.12 26.33 13.15
N SER A 145 19.33 26.60 14.21
CA SER A 145 19.75 27.43 15.34
C SER A 145 20.63 26.66 16.35
N ILE A 146 20.76 25.34 16.17
CA ILE A 146 21.58 24.51 17.03
C ILE A 146 22.93 24.26 16.34
N PRO A 147 24.00 25.00 16.76
CA PRO A 147 25.24 25.03 15.99
C PRO A 147 25.81 23.64 15.68
N GLY A 148 25.59 22.63 16.56
CA GLY A 148 26.10 21.30 16.29
C GLY A 148 25.36 20.60 15.14
N TYR A 149 24.15 21.05 14.79
CA TYR A 149 23.41 20.24 13.77
C TYR A 149 23.86 20.47 12.30
N PRO A 150 23.98 21.75 11.86
CA PRO A 150 24.34 21.89 10.42
C PRO A 150 25.62 21.12 9.98
N PRO A 151 26.67 21.08 10.82
CA PRO A 151 27.88 20.33 10.37
C PRO A 151 27.60 18.85 10.23
N LEU A 152 26.68 18.31 11.05
CA LEU A 152 26.35 16.92 10.98
C LEU A 152 25.50 16.66 9.73
N PHE A 153 24.63 17.59 9.37
CA PHE A 153 23.87 17.45 8.11
C PHE A 153 24.76 17.56 6.86
N ARG A 154 25.81 18.40 6.89
CA ARG A 154 26.76 18.45 5.73
C ARG A 154 27.50 17.11 5.60
N LYS A 155 27.88 16.51 6.72
CA LYS A 155 28.53 15.19 6.65
C LYS A 155 27.57 14.12 6.18
N ALA A 156 26.33 14.18 6.61
CA ALA A 156 25.38 13.14 6.26
C ALA A 156 24.81 13.34 4.81
N PHE A 157 24.84 14.57 4.31
CA PHE A 157 24.33 14.87 2.96
C PHE A 157 25.35 15.72 2.22
N PRO A 158 26.50 15.10 1.84
CA PRO A 158 27.64 15.91 1.34
C PRO A 158 27.26 16.45 -0.02
N GLY A 159 27.71 17.63 -0.37
CA GLY A 159 27.36 18.08 -1.69
C GLY A 159 26.34 19.19 -1.67
N GLN A 160 25.42 19.22 -0.70
CA GLN A 160 24.27 20.14 -0.79
C GLN A 160 24.57 21.49 -0.14
N GLY A 161 24.17 22.59 -0.78
CA GLY A 161 24.39 23.89 -0.17
C GLY A 161 23.46 24.14 1.02
N ASP A 162 22.31 23.48 1.06
CA ASP A 162 21.37 23.76 2.12
C ASP A 162 20.88 22.42 2.67
N PRO A 163 21.76 21.64 3.36
CA PRO A 163 21.41 20.26 3.71
C PRO A 163 20.41 20.12 4.88
N VAL A 164 20.20 21.16 5.68
CA VAL A 164 19.20 21.06 6.78
C VAL A 164 17.81 21.36 6.24
N THR A 165 17.08 20.32 5.86
CA THR A 165 15.77 20.49 5.32
C THR A 165 14.98 19.39 5.95
N PHE A 166 13.66 19.51 5.88
CA PHE A 166 12.75 18.48 6.31
C PHE A 166 12.87 17.11 5.64
N ASP A 167 12.95 17.10 4.32
CA ASP A 167 13.20 15.84 3.56
C ASP A 167 14.46 15.15 4.07
N ASN A 168 15.52 15.93 4.30
CA ASN A 168 16.75 15.32 4.87
C ASN A 168 16.60 14.86 6.33
N VAL A 169 15.79 15.58 7.10
CA VAL A 169 15.45 15.08 8.46
C VAL A 169 14.83 13.69 8.37
N ALA A 170 13.87 13.51 7.48
CA ALA A 170 13.15 12.22 7.35
C ALA A 170 14.12 11.16 6.75
N LYS A 171 14.97 11.54 5.79
CA LYS A 171 15.95 10.57 5.31
C LYS A 171 16.86 10.07 6.37
N ALA A 172 17.42 10.96 7.21
CA ALA A 172 18.33 10.56 8.27
C ALA A 172 17.59 9.66 9.25
N ILE A 173 16.42 10.05 9.71
CA ILE A 173 15.62 9.20 10.57
C ILE A 173 15.26 7.82 9.97
N GLU A 174 14.96 7.79 8.67
CA GLU A 174 14.64 6.53 8.01
C GLU A 174 15.81 5.52 7.97
N VAL A 175 17.02 5.96 7.61
CA VAL A 175 18.15 5.06 7.74
C VAL A 175 18.45 4.60 9.20
N PHE A 176 18.24 5.46 10.21
CA PHE A 176 18.21 4.93 11.57
C PHE A 176 17.05 3.91 11.82
N GLU A 177 15.83 4.22 11.48
CA GLU A 177 14.69 3.26 11.64
C GLU A 177 14.93 1.93 10.96
N ALA A 178 15.69 1.93 9.87
CA ALA A 178 15.94 0.70 9.17
C ALA A 178 16.82 -0.22 10.06
N THR A 179 17.58 0.33 11.01
CA THR A 179 18.37 -0.56 11.95
C THR A 179 17.51 -1.05 13.11
N LEU A 180 16.31 -0.48 13.28
CA LEU A 180 15.38 -0.91 14.36
C LEU A 180 14.60 -2.16 13.92
N VAL A 181 15.32 -3.24 13.63
CA VAL A 181 14.69 -4.54 13.26
C VAL A 181 14.95 -5.53 14.40
N THR A 182 14.13 -6.59 14.49
CA THR A 182 14.17 -7.54 15.60
C THR A 182 14.31 -8.92 15.02
N PRO A 183 15.52 -9.26 14.62
CA PRO A 183 15.74 -10.60 14.07
C PRO A 183 15.68 -11.59 15.21
N ASP A 184 15.58 -12.89 14.92
CA ASP A 184 15.84 -13.99 15.86
C ASP A 184 14.76 -14.33 16.86
N ALA A 185 13.51 -14.02 16.55
CA ALA A 185 12.39 -14.47 17.31
C ALA A 185 12.32 -15.97 17.22
N PRO A 186 11.81 -16.62 18.29
CA PRO A 186 11.78 -18.11 18.20
C PRO A 186 10.98 -18.59 16.96
N PHE A 187 9.96 -17.85 16.55
CA PHE A 187 9.25 -18.27 15.32
C PHE A 187 10.11 -18.25 14.04
N ASP A 188 11.08 -17.34 14.00
CA ASP A 188 11.95 -17.16 12.86
C ASP A 188 12.93 -18.31 12.83
N LYS A 189 13.39 -18.79 13.99
CA LYS A 189 14.23 -19.96 14.09
C LYS A 189 13.48 -21.18 13.56
N TYR A 190 12.19 -21.26 13.87
CA TYR A 190 11.33 -22.31 13.40
C TYR A 190 11.20 -22.23 11.85
N LEU A 191 11.00 -21.04 11.30
CA LEU A 191 10.93 -20.84 9.84
C LEU A 191 12.20 -21.27 9.14
N LYS A 192 13.33 -21.11 9.79
CA LYS A 192 14.61 -21.45 9.20
C LYS A 192 14.91 -22.92 9.27
N GLY A 193 14.03 -23.71 9.90
CA GLY A 193 14.15 -25.18 9.88
C GLY A 193 14.10 -25.92 11.21
N ASN A 194 14.29 -25.24 12.34
CA ASN A 194 14.27 -25.93 13.61
C ASN A 194 12.83 -26.09 14.18
N ARG A 195 12.21 -27.25 14.01
CA ARG A 195 10.86 -27.52 14.58
C ARG A 195 10.78 -27.30 16.11
N LYS A 196 11.91 -27.45 16.78
CA LYS A 196 11.92 -27.36 18.26
C LYS A 196 12.11 -25.93 18.80
N ALA A 197 12.29 -24.93 17.92
CA ALA A 197 12.50 -23.55 18.40
C ALA A 197 11.26 -22.97 19.11
N ILE A 198 10.11 -23.53 18.83
CA ILE A 198 8.90 -23.17 19.56
C ILE A 198 8.31 -24.47 20.16
N SER A 199 7.51 -24.33 21.21
CA SER A 199 6.90 -25.45 21.90
C SER A 199 5.80 -26.03 21.01
N SER A 200 5.43 -27.30 21.24
CA SER A 200 4.38 -27.87 20.40
C SER A 200 2.98 -27.29 20.68
N THR A 201 2.75 -26.73 21.85
CA THR A 201 1.57 -25.92 22.02
C THR A 201 1.57 -24.69 21.07
N ALA A 202 2.72 -24.03 20.97
CA ALA A 202 2.87 -22.91 20.05
C ALA A 202 2.63 -23.40 18.59
N GLU A 203 3.12 -24.60 18.27
CA GLU A 203 2.95 -25.17 16.92
C GLU A 203 1.49 -25.44 16.64
N GLN A 204 0.75 -25.83 17.67
CA GLN A 204 -0.70 -26.01 17.52
C GLN A 204 -1.40 -24.69 17.27
N GLY A 205 -0.94 -23.61 17.93
CA GLY A 205 -1.50 -22.28 17.70
C GLY A 205 -1.22 -21.82 16.27
N LEU A 206 -0.03 -22.11 15.77
CA LEU A 206 0.33 -21.80 14.40
C LEU A 206 -0.60 -22.53 13.44
N ALA A 207 -0.77 -23.84 13.67
CA ALA A 207 -1.57 -24.65 12.79
C ALA A 207 -2.93 -24.03 12.74
N LEU A 208 -3.45 -23.68 13.94
CA LEU A 208 -4.75 -22.98 14.06
C LEU A 208 -4.74 -21.61 13.33
N PHE A 209 -3.66 -20.84 13.47
CA PHE A 209 -3.47 -19.54 12.77
C PHE A 209 -3.57 -19.68 11.23
N LEU A 210 -2.90 -20.69 10.69
CA LEU A 210 -3.09 -21.03 9.28
C LEU A 210 -4.51 -21.51 9.02
N ASP A 211 -4.97 -22.60 9.63
CA ASP A 211 -6.24 -23.22 9.15
C ASP A 211 -7.41 -22.29 9.32
N LYS A 212 -7.38 -21.44 10.35
CA LYS A 212 -8.49 -20.54 10.59
C LYS A 212 -8.58 -19.39 9.59
N GLY A 213 -7.54 -19.22 8.76
CA GLY A 213 -7.43 -18.10 7.82
C GLY A 213 -6.71 -16.83 8.30
N CYS A 214 -6.17 -16.78 9.53
CA CYS A 214 -5.51 -15.52 9.95
C CYS A 214 -4.38 -15.05 9.04
N ALA A 215 -3.66 -15.99 8.46
CA ALA A 215 -2.44 -15.65 7.81
C ALA A 215 -2.71 -14.92 6.51
N ALA A 216 -3.92 -15.01 5.95
CA ALA A 216 -4.13 -14.34 4.65
C ALA A 216 -3.79 -12.87 4.76
N CYS A 217 -4.16 -12.26 5.89
CA CYS A 217 -3.97 -10.84 6.10
C CYS A 217 -2.74 -10.45 6.88
N HIS A 218 -2.18 -11.40 7.61
CA HIS A 218 -1.08 -11.14 8.46
C HIS A 218 0.08 -11.91 7.91
N SER A 219 0.45 -11.64 6.65
CA SER A 219 1.47 -12.44 5.89
C SER A 219 2.83 -11.76 5.61
N GLY A 220 3.76 -12.55 5.07
CA GLY A 220 5.01 -12.04 4.50
C GLY A 220 6.10 -11.87 5.54
N VAL A 221 7.15 -11.15 5.16
CA VAL A 221 8.27 -11.02 6.02
C VAL A 221 7.87 -10.33 7.34
N ASN A 222 6.85 -9.46 7.32
CA ASN A 222 6.46 -8.73 8.52
C ASN A 222 5.22 -9.29 9.22
N MET A 223 4.70 -10.43 8.73
CA MET A 223 3.54 -11.06 9.35
C MET A 223 2.42 -10.06 9.49
N GLY A 224 2.14 -9.36 8.37
CA GLY A 224 1.19 -8.26 8.32
C GLY A 224 1.82 -6.95 7.80
N GLY A 225 1.04 -5.87 7.87
CA GLY A 225 1.43 -4.60 7.27
C GLY A 225 1.45 -4.55 5.76
N THR A 226 0.79 -5.51 5.10
CA THR A 226 0.87 -5.59 3.63
C THR A 226 -0.32 -4.95 2.91
N GLY A 227 -1.41 -4.70 3.62
CA GLY A 227 -2.59 -4.27 2.90
C GLY A 227 -3.68 -3.78 3.80
N TYR A 228 -4.77 -3.37 3.20
CA TYR A 228 -5.87 -2.79 3.95
C TYR A 228 -7.09 -3.61 3.68
N PHE A 229 -8.03 -3.56 4.61
CA PHE A 229 -9.22 -4.40 4.63
C PHE A 229 -10.37 -3.57 5.15
N PRO A 230 -11.60 -3.81 4.65
CA PRO A 230 -12.76 -3.08 5.17
C PRO A 230 -13.29 -3.75 6.48
N PHE A 231 -12.57 -3.59 7.57
CA PHE A 231 -12.62 -4.43 8.71
C PHE A 231 -11.99 -3.58 9.79
N GLY A 232 -12.76 -2.83 10.57
CA GLY A 232 -12.19 -2.21 11.76
C GLY A 232 -12.76 -2.86 12.99
N VAL A 233 -12.06 -2.76 14.11
CA VAL A 233 -12.73 -3.16 15.35
C VAL A 233 -13.29 -1.91 16.01
N ARG A 234 -14.54 -1.97 16.43
CA ARG A 234 -15.25 -0.79 16.94
C ARG A 234 -16.06 -1.25 18.14
N GLU A 235 -16.63 -0.30 18.86
CA GLU A 235 -17.54 -0.59 20.00
C GLU A 235 -18.95 -1.00 19.56
N ASP A 236 -19.76 -1.41 20.55
CA ASP A 236 -21.16 -1.89 20.38
C ASP A 236 -21.19 -3.25 19.68
N TYR A 250 -18.30 -3.67 24.65
CA TYR A 250 -17.85 -4.79 23.82
C TYR A 250 -17.24 -4.30 22.47
N LYS A 251 -16.32 -5.09 21.93
CA LYS A 251 -15.55 -4.65 20.76
C LYS A 251 -15.69 -5.77 19.73
N VAL A 252 -16.03 -5.39 18.49
CA VAL A 252 -16.40 -6.35 17.43
C VAL A 252 -15.82 -5.88 16.10
N THR A 253 -15.39 -6.80 15.24
CA THR A 253 -15.06 -6.50 13.85
C THR A 253 -16.27 -5.94 13.05
N SER A 254 -16.09 -4.87 12.25
CA SER A 254 -17.20 -4.39 11.37
C SER A 254 -16.86 -3.33 10.31
N THR A 255 -17.58 -3.30 9.18
CA THR A 255 -17.77 -2.02 8.42
C THR A 255 -19.07 -2.08 7.68
N ALA A 256 -19.71 -0.92 7.61
CA ALA A 256 -21.13 -0.79 7.28
C ALA A 256 -21.40 -0.67 5.75
N ALA A 257 -20.34 -0.38 4.99
CA ALA A 257 -20.42 0.16 3.60
C ALA A 257 -20.02 1.63 3.67
N ASP A 258 -18.72 1.83 3.99
CA ASP A 258 -18.19 3.03 4.67
C ASP A 258 -16.92 3.71 4.17
N LYS A 259 -16.30 3.12 3.15
CA LYS A 259 -15.20 3.77 2.44
C LYS A 259 -13.87 3.85 3.18
N TYR A 260 -13.85 3.63 4.51
CA TYR A 260 -12.59 3.46 5.27
C TYR A 260 -12.09 2.00 5.30
N VAL A 261 -10.80 1.81 5.27
CA VAL A 261 -10.25 0.48 5.27
C VAL A 261 -9.19 0.57 6.26
N PHE A 262 -8.84 -0.56 6.86
CA PHE A 262 -7.83 -0.55 7.92
C PHE A 262 -6.69 -1.46 7.61
N ARG A 263 -5.50 -1.04 8.03
CA ARG A 263 -4.34 -1.84 7.82
C ARG A 263 -4.37 -3.02 8.80
N SER A 264 -4.09 -4.20 8.26
CA SER A 264 -3.88 -5.40 9.02
C SER A 264 -2.41 -5.39 9.49
N PRO A 265 -2.18 -5.23 10.80
CA PRO A 265 -0.79 -4.95 11.24
C PRO A 265 0.10 -6.16 11.26
N SER A 266 1.38 -5.92 11.13
CA SER A 266 2.40 -6.86 11.52
C SER A 266 2.10 -7.32 12.95
N LEU A 267 2.26 -8.62 13.17
CA LEU A 267 2.05 -9.22 14.45
C LEU A 267 3.35 -9.44 15.12
N ARG A 268 4.46 -9.10 14.48
CA ARG A 268 5.77 -9.17 15.17
C ARG A 268 5.81 -8.30 16.45
N ASN A 269 6.22 -8.93 17.54
CA ASN A 269 6.36 -8.32 18.87
C ASN A 269 5.03 -7.94 19.41
N VAL A 270 3.95 -8.55 18.92
CA VAL A 270 2.62 -8.13 19.35
C VAL A 270 2.48 -8.40 20.88
N ALA A 271 3.27 -9.33 21.41
CA ALA A 271 3.10 -9.66 22.78
C ALA A 271 3.54 -8.49 23.69
N ILE A 272 4.39 -7.58 23.18
CA ILE A 272 4.91 -6.51 24.03
C ILE A 272 4.50 -5.10 23.52
N THR A 273 3.51 -5.03 22.63
CA THR A 273 3.10 -3.73 22.08
C THR A 273 1.63 -3.42 22.39
N MET A 274 1.11 -4.00 23.45
CA MET A 274 -0.20 -3.65 23.94
C MET A 274 -0.30 -2.18 24.24
N PRO A 275 -1.50 -1.59 24.20
CA PRO A 275 -2.80 -2.22 23.89
C PRO A 275 -3.03 -2.35 22.36
N TYR A 276 -4.16 -2.89 21.96
CA TYR A 276 -4.31 -3.42 20.58
C TYR A 276 -5.33 -2.70 19.75
N PHE A 277 -5.21 -2.92 18.41
CA PHE A 277 -6.12 -2.36 17.37
C PHE A 277 -5.96 -0.87 17.19
N HIS A 278 -6.50 -0.32 16.09
CA HIS A 278 -6.18 1.07 15.73
C HIS A 278 -6.44 2.05 16.88
N SER A 279 -7.36 1.69 17.75
CA SER A 279 -7.80 2.65 18.79
C SER A 279 -7.04 2.43 20.10
N GLY A 280 -6.22 1.41 20.17
CA GLY A 280 -5.66 0.90 21.44
C GLY A 280 -6.67 0.62 22.57
N LYS A 281 -7.91 0.27 22.22
CA LYS A 281 -8.95 0.11 23.27
C LYS A 281 -8.97 -1.25 23.93
N VAL A 282 -8.36 -2.26 23.31
CA VAL A 282 -8.40 -3.63 23.78
C VAL A 282 -7.03 -3.97 24.33
N TRP A 283 -6.94 -4.16 25.65
CA TRP A 283 -5.65 -4.29 26.38
C TRP A 283 -5.01 -5.67 26.33
N LYS A 284 -5.82 -6.73 26.30
CA LYS A 284 -5.27 -8.10 26.34
C LYS A 284 -5.17 -8.72 24.98
N LEU A 285 -4.04 -9.37 24.74
CA LEU A 285 -3.76 -10.06 23.47
C LEU A 285 -4.81 -11.14 23.20
N LYS A 286 -5.19 -11.82 24.27
CA LYS A 286 -6.19 -12.84 24.21
C LYS A 286 -7.54 -12.26 23.78
N ASP A 287 -7.94 -11.13 24.32
CA ASP A 287 -9.20 -10.56 23.81
C ASP A 287 -9.12 -10.14 22.31
N ALA A 288 -7.96 -9.59 21.92
CA ALA A 288 -7.65 -9.27 20.52
C ALA A 288 -7.80 -10.52 19.61
N VAL A 289 -7.17 -11.63 20.00
CA VAL A 289 -7.30 -12.87 19.27
C VAL A 289 -8.79 -13.27 19.19
N LYS A 290 -9.53 -13.14 20.28
CA LYS A 290 -10.90 -13.61 20.30
C LYS A 290 -11.78 -12.74 19.38
N ILE A 291 -11.53 -11.43 19.32
CA ILE A 291 -12.34 -10.51 18.51
C ILE A 291 -12.11 -10.85 17.03
N MET A 292 -10.83 -11.09 16.68
CA MET A 292 -10.41 -11.54 15.33
C MET A 292 -11.02 -12.88 14.92
N GLY A 293 -11.46 -13.68 15.89
CA GLY A 293 -12.25 -14.91 15.55
C GLY A 293 -13.68 -14.55 15.24
N SER A 294 -13.87 -13.58 14.36
CA SER A 294 -15.20 -13.07 14.07
C SER A 294 -15.91 -13.97 13.05
N ALA A 295 -17.24 -14.10 13.17
CA ALA A 295 -18.04 -14.72 12.09
C ALA A 295 -17.77 -13.96 10.76
N GLN A 296 -17.68 -12.63 10.83
CA GLN A 296 -17.47 -11.79 9.65
C GLN A 296 -16.19 -12.02 8.79
N LEU A 297 -15.19 -12.70 9.34
CA LEU A 297 -14.05 -13.07 8.50
C LEU A 297 -13.88 -14.57 8.29
N GLY A 298 -15.00 -15.31 8.39
CA GLY A 298 -14.99 -16.78 8.41
C GLY A 298 -14.75 -17.14 9.86
N ILE A 299 -13.76 -17.99 10.12
CA ILE A 299 -13.19 -18.18 11.46
C ILE A 299 -14.15 -18.27 12.67
N SER A 300 -14.37 -19.49 13.17
CA SER A 300 -14.87 -19.68 14.55
C SER A 300 -13.75 -20.20 15.43
N ILE A 301 -13.59 -19.65 16.64
CA ILE A 301 -12.55 -20.18 17.53
C ILE A 301 -12.94 -20.36 19.01
N THR A 302 -12.56 -21.49 19.58
CA THR A 302 -12.83 -21.72 21.00
C THR A 302 -11.82 -20.95 21.79
N ASP A 303 -12.13 -20.79 23.08
CA ASP A 303 -11.27 -20.21 24.08
C ASP A 303 -9.94 -20.96 24.19
N ALA A 304 -10.03 -22.27 24.08
CA ALA A 304 -8.91 -23.18 24.02
C ALA A 304 -8.07 -22.90 22.77
N ASP A 305 -8.71 -22.77 21.60
CA ASP A 305 -8.01 -22.30 20.40
C ASP A 305 -7.29 -20.97 20.61
N ALA A 306 -7.99 -20.00 21.19
CA ALA A 306 -7.43 -18.69 21.48
C ALA A 306 -6.12 -18.79 22.23
N ASP A 307 -6.13 -19.57 23.32
CA ASP A 307 -4.94 -19.73 24.17
C ASP A 307 -3.78 -20.27 23.34
N LYS A 308 -4.05 -21.19 22.43
CA LYS A 308 -2.94 -21.77 21.66
C LYS A 308 -2.42 -20.74 20.67
N ILE A 309 -3.34 -19.92 20.15
CA ILE A 309 -2.97 -18.87 19.20
C ILE A 309 -2.12 -17.86 19.89
N VAL A 310 -2.50 -17.49 21.11
CA VAL A 310 -1.74 -16.51 21.91
C VAL A 310 -0.34 -17.06 22.13
N THR A 311 -0.27 -18.30 22.61
CA THR A 311 1.01 -18.98 22.79
C THR A 311 1.87 -18.88 21.55
N PHE A 312 1.29 -19.08 20.37
CA PHE A 312 2.02 -18.93 19.09
C PHE A 312 2.43 -17.48 18.84
N LEU A 313 1.51 -16.53 19.09
CA LEU A 313 1.85 -15.10 18.93
C LEU A 313 2.97 -14.69 19.84
N ASN A 314 3.06 -15.29 21.02
CA ASN A 314 4.21 -15.05 21.89
C ASN A 314 5.55 -15.46 21.29
N THR A 315 5.56 -16.26 20.21
CA THR A 315 6.85 -16.66 19.64
C THR A 315 7.43 -15.62 18.66
N LEU A 316 6.73 -14.51 18.46
CA LEU A 316 7.07 -13.53 17.43
C LEU A 316 7.81 -12.32 17.96
N THR A 317 8.26 -12.38 19.22
CA THR A 317 9.01 -11.32 19.83
C THR A 317 10.44 -11.52 19.43
N GLY A 318 11.01 -10.58 18.67
CA GLY A 318 12.41 -10.78 18.28
C GLY A 318 13.39 -10.16 19.28
N ALA A 319 14.68 -10.21 18.97
CA ALA A 319 15.68 -9.53 19.78
C ALA A 319 15.53 -7.99 19.63
N GLN A 320 15.42 -7.30 20.75
CA GLN A 320 15.15 -5.86 20.77
C GLN A 320 16.45 -5.11 20.57
N PRO A 321 16.50 -4.14 19.66
CA PRO A 321 17.73 -3.38 19.38
C PRO A 321 18.30 -2.71 20.65
N LYS A 322 19.61 -2.72 20.81
CA LYS A 322 20.25 -1.99 21.94
C LYS A 322 20.72 -0.64 21.36
N VAL A 323 20.03 0.43 21.73
CA VAL A 323 20.23 1.73 21.14
C VAL A 323 20.89 2.63 22.16
N MET A 324 21.98 3.25 21.76
CA MET A 324 22.64 4.21 22.64
C MET A 324 21.84 5.50 22.64
N HIS A 325 21.57 6.04 23.83
CA HIS A 325 20.95 7.39 23.88
C HIS A 325 21.97 8.40 23.36
N PRO A 326 21.60 9.22 22.38
CA PRO A 326 22.68 10.05 21.83
C PRO A 326 22.94 11.24 22.75
N VAL A 327 24.09 11.87 22.57
CA VAL A 327 24.43 13.10 23.27
C VAL A 327 24.10 14.18 22.22
N LEU A 328 23.21 15.15 22.58
CA LEU A 328 22.63 16.13 21.65
C LEU A 328 23.37 17.46 21.74
N PRO A 329 23.52 18.18 20.60
CA PRO A 329 24.23 19.45 20.69
C PRO A 329 23.34 20.56 21.31
N PRO A 330 23.97 21.49 22.07
CA PRO A 330 23.21 22.42 22.88
C PRO A 330 22.57 23.49 22.02
N ASN A 331 21.47 24.03 22.50
CA ASN A 331 20.87 25.24 21.94
C ASN A 331 21.88 26.37 21.79
N SER A 332 21.55 27.35 20.94
CA SER A 332 22.25 28.58 20.99
C SER A 332 21.34 29.58 21.67
N ASP A 333 21.84 30.79 21.90
CA ASP A 333 21.00 31.85 22.37
C ASP A 333 19.84 32.20 21.45
N ASP A 334 19.96 31.82 20.20
CA ASP A 334 18.93 32.11 19.18
C ASP A 334 17.92 30.92 18.91
N THR A 335 18.11 29.78 19.60
CA THR A 335 17.17 28.70 19.44
C THR A 335 15.76 29.14 19.86
N PRO A 336 14.74 28.83 19.07
CA PRO A 336 13.36 29.23 19.42
C PRO A 336 12.94 28.71 20.83
N ARG A 337 12.07 29.46 21.53
CA ARG A 337 11.58 29.09 22.85
C ARG A 337 10.55 27.96 22.74
N PRO A 338 10.48 27.09 23.76
CA PRO A 338 9.41 26.09 23.76
C PRO A 338 7.99 26.71 23.65
N VAL A 339 7.06 26.03 22.99
CA VAL A 339 5.70 26.48 23.06
C VAL A 339 4.89 25.35 23.63
N SER A 340 4.23 25.60 24.76
CA SER A 340 3.38 24.57 25.40
C SER A 340 2.11 24.54 24.57
N ASN A 341 1.43 23.42 24.49
CA ASN A 341 0.35 23.39 23.53
C ASN A 341 -1.01 23.14 24.21
N GLU B 18 -30.33 -11.08 0.16
CA GLU B 18 -30.83 -11.21 1.57
C GLU B 18 -29.65 -11.14 2.55
N ASP B 19 -29.26 -12.27 3.13
CA ASP B 19 -28.03 -12.31 3.88
C ASP B 19 -26.79 -12.14 2.97
N VAL B 20 -26.77 -12.81 1.81
CA VAL B 20 -25.63 -12.73 0.89
C VAL B 20 -25.36 -11.24 0.54
N MET B 21 -26.44 -10.47 0.39
CA MET B 21 -26.36 -9.03 0.15
C MET B 21 -25.65 -8.20 1.26
N LYS B 22 -26.12 -8.37 2.50
CA LYS B 22 -25.56 -7.70 3.68
C LYS B 22 -24.06 -8.02 3.83
N ARG B 23 -23.67 -9.27 3.61
CA ARG B 23 -22.24 -9.63 3.57
C ARG B 23 -21.47 -8.87 2.48
N ALA B 24 -22.01 -8.84 1.25
CA ALA B 24 -21.43 -8.09 0.13
C ALA B 24 -21.34 -6.56 0.42
N GLN B 25 -22.35 -6.01 1.09
CA GLN B 25 -22.31 -4.62 1.45
C GLN B 25 -21.24 -4.37 2.52
N GLY B 26 -20.96 -5.39 3.35
CA GLY B 26 -19.84 -5.32 4.31
C GLY B 26 -18.50 -5.15 3.60
N LEU B 27 -18.24 -6.00 2.61
CA LEU B 27 -16.93 -6.11 1.96
C LEU B 27 -16.61 -5.20 0.80
N PHE B 28 -17.64 -4.80 0.08
CA PHE B 28 -17.46 -4.06 -1.13
C PHE B 28 -18.23 -2.78 -1.02
N LYS B 29 -17.86 -1.80 -1.83
CA LYS B 29 -18.50 -0.51 -1.82
C LYS B 29 -18.61 -0.13 -3.32
N PRO B 30 -19.74 0.47 -3.71
CA PRO B 30 -19.94 0.80 -5.13
C PRO B 30 -19.06 1.99 -5.55
N ILE B 31 -18.70 2.09 -6.84
CA ILE B 31 -17.90 3.19 -7.37
C ILE B 31 -18.75 4.50 -7.40
N PRO B 32 -18.26 5.58 -6.78
CA PRO B 32 -19.00 6.86 -6.88
C PRO B 32 -18.94 7.38 -8.31
N ALA B 33 -20.03 8.00 -8.75
CA ALA B 33 -20.09 8.59 -10.09
C ALA B 33 -19.17 9.79 -10.18
N LYS B 34 -19.03 10.54 -9.09
CA LYS B 34 -18.22 11.75 -9.10
C LYS B 34 -16.71 11.35 -9.04
N PRO B 35 -15.85 11.98 -9.88
CA PRO B 35 -14.42 11.78 -9.75
C PRO B 35 -14.01 12.09 -8.31
N PRO B 36 -13.15 11.25 -7.70
CA PRO B 36 -12.68 11.52 -6.32
C PRO B 36 -11.70 12.69 -6.31
N VAL B 37 -11.79 13.50 -5.28
CA VAL B 37 -10.88 14.59 -5.04
C VAL B 37 -9.45 14.04 -4.74
N MET B 38 -8.41 14.58 -5.38
CA MET B 38 -7.00 14.19 -5.15
C MET B 38 -6.34 15.18 -4.21
N LYS B 39 -5.99 14.71 -3.02
CA LYS B 39 -5.26 15.52 -2.04
C LYS B 39 -4.09 16.26 -2.70
N ASP B 40 -4.00 17.57 -2.51
CA ASP B 40 -2.88 18.33 -3.07
C ASP B 40 -2.84 18.31 -4.60
N ASN B 41 -3.81 17.66 -5.23
CA ASN B 41 -3.86 17.76 -6.67
C ASN B 41 -5.26 18.14 -7.16
N PRO B 42 -5.62 19.43 -6.97
CA PRO B 42 -6.99 19.82 -7.21
C PRO B 42 -7.28 19.78 -8.67
N ALA B 43 -8.47 19.29 -9.00
CA ALA B 43 -8.94 19.20 -10.37
C ALA B 43 -9.38 20.61 -10.68
N SER B 44 -9.22 21.03 -11.93
CA SER B 44 -9.80 22.23 -12.49
C SER B 44 -10.03 21.87 -14.00
N PRO B 45 -11.00 22.51 -14.66
CA PRO B 45 -11.21 22.22 -16.09
C PRO B 45 -9.91 22.21 -16.93
N SER B 46 -9.01 23.17 -16.73
CA SER B 46 -7.85 23.25 -17.62
C SER B 46 -6.82 22.22 -17.25
N ARG B 47 -6.76 21.83 -15.98
CA ARG B 47 -5.81 20.78 -15.59
C ARG B 47 -6.29 19.42 -16.11
N VAL B 48 -7.59 19.18 -15.99
CA VAL B 48 -8.21 18.00 -16.59
C VAL B 48 -8.00 17.90 -18.11
N GLU B 49 -8.20 19.02 -18.83
CA GLU B 49 -8.01 19.04 -20.25
C GLU B 49 -6.53 18.74 -20.58
N LEU B 50 -5.58 19.36 -19.90
CA LEU B 50 -4.15 19.12 -20.15
C LEU B 50 -3.83 17.62 -19.91
N GLY B 51 -4.33 17.10 -18.79
CA GLY B 51 -4.09 15.69 -18.49
C GLY B 51 -4.67 14.83 -19.65
N ARG B 52 -5.87 15.12 -20.14
CA ARG B 52 -6.37 14.33 -21.30
C ARG B 52 -5.46 14.45 -22.53
N MET B 53 -4.99 15.66 -22.85
CA MET B 53 -4.11 15.82 -24.01
C MET B 53 -2.90 14.97 -23.85
N LEU B 54 -2.25 15.01 -22.65
CA LEU B 54 -0.96 14.32 -22.46
C LEU B 54 -1.18 12.81 -22.54
N PHE B 55 -2.33 12.39 -22.01
CA PHE B 55 -2.64 10.97 -22.06
C PHE B 55 -2.68 10.40 -23.50
N PHE B 56 -3.04 11.21 -24.51
CA PHE B 56 -3.26 10.70 -25.85
C PHE B 56 -2.15 11.15 -26.75
N ASP B 57 -1.17 11.89 -26.22
CA ASP B 57 -0.07 12.44 -27.02
C ASP B 57 1.10 11.49 -27.14
N PRO B 58 1.37 10.96 -28.37
CA PRO B 58 2.40 9.90 -28.49
C PRO B 58 3.79 10.48 -28.45
N ARG B 59 3.86 11.81 -28.32
CA ARG B 59 5.13 12.45 -28.29
C ARG B 59 5.74 12.36 -26.89
N LEU B 60 5.01 11.85 -25.88
CA LEU B 60 5.59 11.51 -24.58
C LEU B 60 6.50 10.26 -24.64
N SER B 61 6.52 9.54 -25.76
CA SER B 61 7.44 8.39 -25.92
C SER B 61 8.56 8.83 -26.85
N ALA B 62 9.68 8.14 -26.80
CA ALA B 62 10.88 8.60 -27.56
C ALA B 62 10.57 8.36 -29.02
N SER B 63 9.80 7.32 -29.32
CA SER B 63 9.48 6.97 -30.74
C SER B 63 8.44 7.94 -31.34
N HIS B 64 7.75 8.72 -30.49
CA HIS B 64 6.58 9.49 -30.89
C HIS B 64 5.39 8.67 -31.39
N LEU B 65 5.38 7.36 -31.14
CA LEU B 65 4.27 6.47 -31.59
C LEU B 65 3.36 6.00 -30.47
N ILE B 66 3.87 6.01 -29.26
CA ILE B 66 3.21 5.44 -28.13
C ILE B 66 2.69 6.43 -27.07
N SER B 67 1.40 6.34 -26.75
CA SER B 67 0.82 7.22 -25.74
C SER B 67 0.37 6.32 -24.59
N CYS B 68 -0.15 6.89 -23.50
CA CYS B 68 -0.69 6.12 -22.38
C CYS B 68 -1.81 5.26 -22.89
N ASN B 69 -2.61 5.84 -23.81
CA ASN B 69 -3.72 5.12 -24.41
C ASN B 69 -3.34 3.87 -25.19
N THR B 70 -2.14 3.81 -25.73
CA THR B 70 -1.67 2.54 -26.38
C THR B 70 -1.68 1.29 -25.46
N CYS B 71 -1.12 1.41 -24.22
CA CYS B 71 -1.10 0.30 -23.27
C CYS B 71 -2.33 0.32 -22.34
N HIS B 72 -2.95 1.48 -22.19
CA HIS B 72 -4.13 1.59 -21.32
C HIS B 72 -5.26 2.20 -22.13
N ASN B 73 -5.75 1.44 -23.13
CA ASN B 73 -6.65 1.95 -24.12
C ASN B 73 -8.06 2.13 -23.58
N VAL B 74 -8.55 3.38 -23.54
CA VAL B 74 -9.96 3.63 -23.10
C VAL B 74 -10.99 2.87 -23.89
N GLY B 75 -10.65 2.43 -25.12
CA GLY B 75 -11.58 1.68 -25.98
C GLY B 75 -11.70 0.23 -25.50
N LEU B 76 -10.66 -0.26 -24.81
CA LEU B 76 -10.54 -1.71 -24.47
C LEU B 76 -10.37 -1.92 -22.97
N GLY B 77 -11.30 -1.35 -22.18
CA GLY B 77 -11.27 -1.54 -20.73
C GLY B 77 -10.01 -1.00 -20.06
N GLY B 78 -9.32 -0.08 -20.70
CA GLY B 78 -8.27 0.64 -19.97
C GLY B 78 -6.98 -0.21 -20.02
N THR B 79 -6.95 -1.27 -20.86
CA THR B 79 -5.74 -2.11 -20.99
C THR B 79 -5.53 -2.26 -22.48
N ASP B 80 -4.68 -3.22 -22.93
CA ASP B 80 -4.33 -3.37 -24.35
C ASP B 80 -4.50 -4.78 -24.93
N ILE B 81 -5.12 -5.69 -24.15
CA ILE B 81 -5.41 -7.07 -24.57
C ILE B 81 -4.20 -7.76 -25.16
N LEU B 82 -2.99 -7.46 -24.61
CA LEU B 82 -1.82 -8.27 -24.94
C LEU B 82 -1.27 -8.86 -23.68
N GLU B 83 -0.53 -9.95 -23.80
CA GLU B 83 0.12 -10.54 -22.60
C GLU B 83 0.98 -9.50 -21.90
N THR B 84 2.02 -9.02 -22.56
CA THR B 84 2.89 -7.93 -22.06
C THR B 84 3.28 -7.12 -23.32
N SER B 85 3.90 -5.97 -23.12
CA SER B 85 3.57 -4.69 -23.84
C SER B 85 3.50 -4.56 -25.40
N GLY B 93 11.08 -7.02 -15.37
CA GLY B 93 10.48 -8.18 -16.04
C GLY B 93 9.15 -7.71 -16.67
N PRO B 94 8.65 -8.37 -17.75
CA PRO B 94 7.55 -7.69 -18.42
C PRO B 94 6.29 -8.04 -17.68
N ARG B 95 5.39 -7.08 -17.56
CA ARG B 95 4.11 -7.25 -16.84
C ARG B 95 2.95 -6.89 -17.76
N ASN B 96 1.79 -7.49 -17.48
CA ASN B 96 0.54 -7.24 -18.21
C ASN B 96 0.08 -5.86 -17.86
N SER B 97 -0.51 -5.09 -18.77
CA SER B 97 -0.90 -3.78 -18.35
C SER B 97 -2.23 -3.72 -17.56
N PRO B 98 -2.15 -3.25 -16.32
CA PRO B 98 -3.41 -3.13 -15.56
C PRO B 98 -4.26 -2.00 -16.08
N THR B 99 -5.56 -2.09 -15.87
CA THR B 99 -6.44 -1.03 -16.41
C THR B 99 -6.20 0.28 -15.68
N VAL B 100 -6.38 1.41 -16.40
CA VAL B 100 -6.39 2.72 -15.76
C VAL B 100 -7.73 3.07 -15.19
N LEU B 101 -8.75 2.38 -15.67
CA LEU B 101 -10.11 2.63 -15.16
C LEU B 101 -10.19 2.27 -13.67
N ASN B 102 -10.68 3.24 -12.87
CA ASN B 102 -10.71 3.17 -11.43
C ASN B 102 -9.32 3.02 -10.80
N ALA B 103 -8.23 3.23 -11.55
CA ALA B 103 -6.92 3.00 -10.92
C ALA B 103 -6.72 4.01 -9.77
N VAL B 104 -7.48 5.11 -9.78
CA VAL B 104 -7.37 6.09 -8.73
C VAL B 104 -7.84 5.48 -7.37
N TYR B 105 -8.53 4.33 -7.38
CA TYR B 105 -8.94 3.68 -6.15
C TYR B 105 -8.07 2.48 -5.73
N ASN B 106 -6.97 2.20 -6.44
CA ASN B 106 -5.99 1.19 -6.03
C ASN B 106 -5.10 1.75 -4.98
N ILE B 107 -4.95 1.09 -3.83
CA ILE B 107 -4.00 1.53 -2.85
C ILE B 107 -2.61 1.02 -3.24
N ALA B 108 -2.57 -0.25 -3.61
CA ALA B 108 -1.35 -0.87 -3.99
C ALA B 108 -1.16 -0.48 -5.45
N GLN B 109 -0.01 0.08 -5.73
CA GLN B 109 0.29 0.75 -7.02
C GLN B 109 0.93 -0.12 -8.08
N PHE B 110 1.57 -1.23 -7.68
CA PHE B 110 2.38 -2.06 -8.56
C PHE B 110 1.97 -3.53 -8.52
N TRP B 111 2.34 -4.33 -9.54
CA TRP B 111 2.07 -5.79 -9.50
C TRP B 111 2.80 -6.52 -8.40
N ASP B 112 4.02 -6.14 -8.10
CA ASP B 112 4.85 -6.99 -7.27
C ASP B 112 6.11 -6.30 -6.88
N GLY B 113 6.75 -6.81 -5.83
CA GLY B 113 8.05 -6.29 -5.40
C GLY B 113 8.36 -6.80 -4.02
N ARG B 114 9.47 -6.40 -3.44
CA ARG B 114 9.75 -6.72 -2.03
C ARG B 114 9.05 -5.68 -1.14
N ALA B 115 8.61 -6.13 0.04
CA ALA B 115 7.98 -5.27 1.05
C ALA B 115 8.68 -3.90 1.31
N GLU B 116 9.97 -3.90 1.65
CA GLU B 116 10.72 -2.65 1.90
C GLU B 116 10.71 -1.70 0.70
N ASP B 117 10.57 -2.20 -0.53
CA ASP B 117 10.70 -1.35 -1.72
C ASP B 117 9.38 -0.76 -2.13
N LEU B 118 8.33 -1.56 -1.96
CA LEU B 118 6.99 -1.16 -2.23
C LEU B 118 6.70 -0.04 -1.19
N ALA B 119 7.07 -0.29 0.07
CA ALA B 119 7.08 0.74 1.12
C ALA B 119 7.71 2.08 0.66
N ALA B 120 8.88 2.05 0.01
CA ALA B 120 9.49 3.27 -0.60
C ALA B 120 8.86 3.68 -1.96
N GLN B 121 9.14 4.90 -2.40
CA GLN B 121 8.77 5.35 -3.74
C GLN B 121 10.01 5.34 -4.66
N ALA B 122 10.08 4.37 -5.59
CA ALA B 122 11.07 4.45 -6.69
C ALA B 122 10.45 5.27 -7.83
N LYS B 123 9.50 6.14 -7.44
CA LYS B 123 8.55 6.80 -8.34
C LYS B 123 7.22 6.02 -8.38
N GLY B 124 6.16 6.73 -8.77
CA GLY B 124 4.86 6.13 -8.89
C GLY B 124 4.68 5.51 -10.27
N PRO B 125 3.43 5.07 -10.56
CA PRO B 125 3.18 4.29 -11.77
C PRO B 125 3.27 5.14 -13.06
N VAL B 126 2.92 6.43 -12.98
CA VAL B 126 3.03 7.34 -14.15
C VAL B 126 4.48 7.52 -14.63
N GLN B 127 5.35 7.86 -13.67
CA GLN B 127 6.76 8.01 -13.95
C GLN B 127 7.38 6.68 -14.46
N ALA B 128 6.93 5.58 -13.84
CA ALA B 128 7.57 4.31 -14.14
C ALA B 128 7.10 3.89 -15.56
N SER B 129 5.86 4.19 -15.89
CA SER B 129 5.33 3.87 -17.21
C SER B 129 6.14 4.63 -18.27
N VAL B 130 6.27 5.94 -18.05
CA VAL B 130 7.02 6.82 -18.93
C VAL B 130 8.46 6.25 -19.16
N GLU B 131 9.10 5.86 -18.05
CA GLU B 131 10.42 5.26 -18.14
C GLU B 131 10.51 3.98 -18.97
N MET B 132 9.41 3.24 -19.13
CA MET B 132 9.36 2.18 -20.15
C MET B 132 9.76 2.63 -21.55
N ASN B 133 9.53 3.89 -21.90
CA ASN B 133 9.56 4.25 -23.34
C ASN B 133 10.32 5.56 -23.66
N ASN B 134 10.83 6.20 -22.59
CA ASN B 134 11.33 7.57 -22.62
C ASN B 134 12.14 7.94 -21.38
N LYS B 135 12.74 9.13 -21.41
CA LYS B 135 13.36 9.69 -20.24
C LYS B 135 12.58 10.96 -19.95
N PRO B 136 12.21 11.15 -18.68
CA PRO B 136 11.51 12.30 -18.11
C PRO B 136 11.98 13.67 -18.62
N GLU B 137 13.29 13.87 -18.65
CA GLU B 137 13.84 15.15 -19.09
C GLU B 137 13.72 15.31 -20.61
N ASN B 138 13.61 14.22 -21.33
CA ASN B 138 13.43 14.35 -22.77
C ASN B 138 11.97 14.71 -23.03
N LEU B 139 11.09 14.11 -22.23
CA LEU B 139 9.67 14.41 -22.22
C LEU B 139 9.41 15.90 -21.99
N VAL B 140 10.03 16.46 -20.96
CA VAL B 140 9.86 17.84 -20.57
C VAL B 140 10.41 18.72 -21.66
N ALA B 141 11.60 18.43 -22.18
CA ALA B 141 12.17 19.26 -23.26
C ALA B 141 11.25 19.22 -24.52
N THR B 142 10.68 18.05 -24.78
CA THR B 142 9.79 17.90 -25.93
C THR B 142 8.55 18.76 -25.73
N LEU B 143 7.94 18.71 -24.55
CA LEU B 143 6.78 19.55 -24.28
C LEU B 143 7.08 21.04 -24.38
N LYS B 144 8.29 21.48 -24.01
CA LYS B 144 8.64 22.92 -24.12
C LYS B 144 8.84 23.35 -25.57
N SER B 145 9.16 22.38 -26.44
CA SER B 145 9.41 22.68 -27.88
C SER B 145 8.10 22.74 -28.67
N ILE B 146 7.01 22.44 -28.00
CA ILE B 146 5.68 22.44 -28.65
C ILE B 146 4.93 23.71 -28.25
N PRO B 147 4.89 24.69 -29.16
CA PRO B 147 4.51 26.03 -28.63
C PRO B 147 3.17 26.05 -27.91
N GLY B 148 2.18 25.23 -28.30
CA GLY B 148 0.83 25.25 -27.68
C GLY B 148 0.82 24.67 -26.25
N TYR B 149 1.84 23.94 -25.86
CA TYR B 149 1.89 23.41 -24.50
C TYR B 149 2.22 24.40 -23.35
N PRO B 150 3.34 25.15 -23.45
CA PRO B 150 3.60 26.01 -22.27
C PRO B 150 2.36 26.86 -21.81
N PRO B 151 1.62 27.46 -22.75
CA PRO B 151 0.54 28.30 -22.23
C PRO B 151 -0.48 27.46 -21.49
N LEU B 152 -0.68 26.20 -21.89
CA LEU B 152 -1.67 25.36 -21.26
C LEU B 152 -1.17 24.94 -19.89
N PHE B 153 0.11 24.63 -19.76
CA PHE B 153 0.68 24.47 -18.44
C PHE B 153 0.52 25.73 -17.57
N ARG B 154 0.60 26.92 -18.17
CA ARG B 154 0.43 28.19 -17.37
C ARG B 154 -0.99 28.31 -16.87
N LYS B 155 -1.98 28.07 -17.73
CA LYS B 155 -3.37 28.05 -17.30
C LYS B 155 -3.59 26.96 -16.23
N ALA B 156 -3.02 25.76 -16.43
CA ALA B 156 -3.27 24.69 -15.48
C ALA B 156 -2.51 24.80 -14.17
N PHE B 157 -1.33 25.40 -14.18
CA PHE B 157 -0.60 25.57 -12.89
C PHE B 157 -0.19 27.05 -12.71
N PRO B 158 -1.20 27.94 -12.43
CA PRO B 158 -1.00 29.39 -12.22
C PRO B 158 0.04 29.66 -11.14
N GLY B 159 0.68 30.82 -11.19
CA GLY B 159 1.55 31.28 -10.07
C GLY B 159 2.90 30.56 -10.06
N GLN B 160 3.19 29.73 -11.07
CA GLN B 160 4.50 29.06 -11.16
C GLN B 160 5.31 29.56 -12.38
N GLY B 161 6.51 30.05 -12.08
CA GLY B 161 7.43 30.64 -13.07
C GLY B 161 7.77 29.70 -14.20
N ASP B 162 7.91 28.41 -13.90
CA ASP B 162 8.32 27.39 -14.85
C ASP B 162 7.37 26.17 -14.68
N PRO B 163 6.13 26.24 -15.25
CA PRO B 163 5.13 25.21 -14.94
C PRO B 163 5.25 23.91 -15.74
N VAL B 164 6.09 23.88 -16.77
CA VAL B 164 6.29 22.66 -17.57
C VAL B 164 7.38 21.82 -16.90
N THR B 165 6.98 20.88 -16.06
CA THR B 165 7.92 20.04 -15.34
C THR B 165 7.35 18.63 -15.34
N PHE B 166 8.21 17.68 -15.02
CA PHE B 166 7.78 16.30 -14.90
C PHE B 166 6.66 16.10 -13.88
N ASP B 167 6.78 16.70 -12.71
CA ASP B 167 5.77 16.58 -11.66
C ASP B 167 4.42 17.14 -12.09
N ASN B 168 4.42 18.25 -12.82
CA ASN B 168 3.18 18.82 -13.33
C ASN B 168 2.53 18.01 -14.41
N VAL B 169 3.34 17.33 -15.22
CA VAL B 169 2.77 16.39 -16.22
C VAL B 169 2.01 15.24 -15.50
N ALA B 170 2.60 14.69 -14.46
CA ALA B 170 1.97 13.63 -13.70
C ALA B 170 0.71 14.16 -12.99
N LYS B 171 0.82 15.34 -12.38
CA LYS B 171 -0.36 15.89 -11.75
C LYS B 171 -1.53 16.12 -12.72
N ALA B 172 -1.23 16.67 -13.93
CA ALA B 172 -2.29 16.91 -14.95
C ALA B 172 -2.90 15.55 -15.32
N ILE B 173 -2.04 14.59 -15.64
CA ILE B 173 -2.58 13.24 -15.95
C ILE B 173 -3.48 12.59 -14.85
N GLU B 174 -3.05 12.73 -13.63
CA GLU B 174 -3.74 12.11 -12.51
C GLU B 174 -5.13 12.70 -12.30
N VAL B 175 -5.31 14.01 -12.50
CA VAL B 175 -6.65 14.48 -12.38
C VAL B 175 -7.46 14.05 -13.58
N PHE B 176 -6.84 13.89 -14.75
CA PHE B 176 -7.56 13.25 -15.86
C PHE B 176 -7.92 11.78 -15.54
N GLU B 177 -6.94 11.03 -15.05
CA GLU B 177 -7.23 9.64 -14.57
C GLU B 177 -8.38 9.51 -13.59
N ALA B 178 -8.52 10.52 -12.75
CA ALA B 178 -9.52 10.52 -11.72
C ALA B 178 -10.90 10.56 -12.34
N THR B 179 -11.01 11.02 -13.59
CA THR B 179 -12.32 10.97 -14.31
C THR B 179 -12.58 9.62 -14.94
N LEU B 180 -11.56 8.75 -14.97
CA LEU B 180 -11.70 7.45 -15.68
C LEU B 180 -12.22 6.40 -14.76
N VAL B 181 -13.41 6.61 -14.23
CA VAL B 181 -14.04 5.64 -13.29
C VAL B 181 -15.23 4.99 -14.01
N THR B 182 -15.68 3.80 -13.55
CA THR B 182 -16.75 3.11 -14.18
C THR B 182 -17.85 2.84 -13.16
N PRO B 183 -18.74 3.85 -12.92
CA PRO B 183 -19.87 3.60 -12.02
C PRO B 183 -20.91 2.73 -12.74
N ASP B 184 -21.86 2.21 -11.95
CA ASP B 184 -23.11 1.60 -12.42
C ASP B 184 -22.96 0.21 -13.03
N ALA B 185 -21.85 -0.50 -12.84
CA ALA B 185 -21.86 -1.92 -13.04
C ALA B 185 -23.14 -2.50 -12.38
N PRO B 186 -23.74 -3.56 -12.99
CA PRO B 186 -24.88 -4.22 -12.33
C PRO B 186 -24.57 -4.59 -10.90
N PHE B 187 -23.34 -5.01 -10.62
CA PHE B 187 -23.02 -5.33 -9.23
C PHE B 187 -23.15 -4.12 -8.29
N ASP B 188 -22.92 -2.91 -8.80
CA ASP B 188 -22.98 -1.74 -7.94
C ASP B 188 -24.45 -1.42 -7.65
N LYS B 189 -25.35 -1.64 -8.61
CA LYS B 189 -26.79 -1.49 -8.36
C LYS B 189 -27.31 -2.43 -7.30
N TYR B 190 -26.72 -3.61 -7.23
CA TYR B 190 -27.03 -4.60 -6.23
C TYR B 190 -26.51 -4.14 -4.86
N LEU B 191 -25.31 -3.55 -4.81
CA LEU B 191 -24.77 -3.05 -3.55
C LEU B 191 -25.71 -1.98 -2.96
N LYS B 192 -26.32 -1.23 -3.86
CA LYS B 192 -27.18 -0.12 -3.52
C LYS B 192 -28.58 -0.55 -3.16
N GLY B 193 -28.83 -1.86 -3.11
CA GLY B 193 -30.09 -2.37 -2.55
C GLY B 193 -30.89 -3.25 -3.48
N ASN B 194 -30.72 -3.06 -4.79
CA ASN B 194 -31.52 -3.84 -5.76
C ASN B 194 -31.02 -5.24 -6.07
N ARG B 195 -31.61 -6.26 -5.43
CA ARG B 195 -31.25 -7.67 -5.69
C ARG B 195 -31.52 -8.22 -7.09
N LYS B 196 -32.38 -7.52 -7.83
CA LYS B 196 -32.71 -7.92 -9.19
C LYS B 196 -31.74 -7.40 -10.24
N ALA B 197 -30.78 -6.58 -9.82
CA ALA B 197 -29.82 -6.00 -10.78
C ALA B 197 -28.83 -7.06 -11.30
N ILE B 198 -28.70 -8.16 -10.59
CA ILE B 198 -27.88 -9.25 -11.05
C ILE B 198 -28.74 -10.52 -11.02
N SER B 199 -28.41 -11.50 -11.86
CA SER B 199 -29.17 -12.76 -12.02
C SER B 199 -29.00 -13.60 -10.75
N SER B 200 -29.97 -14.50 -10.47
CA SER B 200 -29.86 -15.31 -9.29
C SER B 200 -28.65 -16.27 -9.38
N THR B 201 -28.24 -16.64 -10.58
CA THR B 201 -26.97 -17.35 -10.77
C THR B 201 -25.75 -16.45 -10.38
N ALA B 202 -25.70 -15.21 -10.87
CA ALA B 202 -24.71 -14.22 -10.35
C ALA B 202 -24.71 -14.20 -8.83
N GLU B 203 -25.90 -14.11 -8.26
CA GLU B 203 -26.01 -14.14 -6.83
C GLU B 203 -25.40 -15.39 -6.17
N GLN B 204 -25.52 -16.57 -6.82
CA GLN B 204 -24.83 -17.78 -6.33
C GLN B 204 -23.31 -17.66 -6.50
N GLY B 205 -22.87 -16.95 -7.54
CA GLY B 205 -21.43 -16.73 -7.73
C GLY B 205 -20.88 -15.87 -6.63
N LEU B 206 -21.63 -14.83 -6.31
CA LEU B 206 -21.36 -13.93 -5.21
C LEU B 206 -21.23 -14.67 -3.86
N ALA B 207 -22.21 -15.55 -3.59
CA ALA B 207 -22.23 -16.31 -2.36
C ALA B 207 -20.98 -17.18 -2.27
N LEU B 208 -20.62 -17.81 -3.37
CA LEU B 208 -19.39 -18.61 -3.47
C LEU B 208 -18.10 -17.75 -3.24
N PHE B 209 -17.99 -16.65 -3.97
CA PHE B 209 -16.87 -15.74 -3.88
C PHE B 209 -16.60 -15.38 -2.40
N LEU B 210 -17.67 -15.04 -1.68
CA LEU B 210 -17.54 -14.74 -0.24
C LEU B 210 -17.10 -15.96 0.53
N ASP B 211 -17.81 -17.09 0.40
CA ASP B 211 -17.65 -18.28 1.26
C ASP B 211 -16.31 -19.00 1.11
N LYS B 212 -15.81 -19.04 -0.12
CA LYS B 212 -14.51 -19.62 -0.42
C LYS B 212 -13.38 -18.72 0.01
N GLY B 213 -13.70 -17.50 0.45
CA GLY B 213 -12.72 -16.55 0.99
C GLY B 213 -12.06 -15.65 -0.04
N CYS B 214 -12.63 -15.58 -1.27
CA CYS B 214 -12.08 -14.68 -2.32
C CYS B 214 -12.09 -13.20 -1.94
N ALA B 215 -13.14 -12.79 -1.26
CA ALA B 215 -13.42 -11.39 -0.96
C ALA B 215 -12.44 -10.73 0.03
N ALA B 216 -11.76 -11.50 0.86
CA ALA B 216 -10.77 -10.91 1.78
C ALA B 216 -9.64 -10.25 1.02
N CYS B 217 -9.29 -10.83 -0.13
CA CYS B 217 -8.19 -10.29 -0.91
C CYS B 217 -8.61 -9.34 -2.02
N HIS B 218 -9.88 -9.39 -2.40
CA HIS B 218 -10.40 -8.59 -3.51
C HIS B 218 -11.54 -7.75 -2.97
N SER B 219 -11.26 -6.89 -1.98
CA SER B 219 -12.31 -6.18 -1.23
C SER B 219 -12.33 -4.65 -1.42
N GLY B 220 -13.31 -3.99 -0.78
CA GLY B 220 -13.41 -2.55 -0.69
C GLY B 220 -14.04 -1.97 -1.92
N VAL B 221 -13.88 -0.66 -2.08
CA VAL B 221 -14.54 0.10 -3.11
C VAL B 221 -14.04 -0.39 -4.48
N ASN B 222 -12.77 -0.79 -4.57
CA ASN B 222 -12.25 -1.26 -5.86
C ASN B 222 -12.23 -2.80 -6.04
N MET B 223 -12.74 -3.53 -5.02
CA MET B 223 -12.85 -4.98 -5.10
C MET B 223 -11.49 -5.58 -5.38
N GLY B 224 -10.50 -5.08 -4.63
CA GLY B 224 -9.11 -5.45 -4.77
C GLY B 224 -8.23 -4.23 -4.95
N GLY B 225 -6.98 -4.47 -5.32
CA GLY B 225 -5.95 -3.42 -5.32
C GLY B 225 -5.68 -2.80 -3.96
N THR B 226 -5.97 -3.52 -2.85
CA THR B 226 -5.73 -2.93 -1.53
C THR B 226 -4.48 -3.46 -0.84
N GLY B 227 -3.83 -4.47 -1.40
CA GLY B 227 -2.74 -5.11 -0.67
C GLY B 227 -1.95 -6.13 -1.47
N TYR B 228 -0.84 -6.56 -0.88
CA TYR B 228 0.10 -7.52 -1.45
C TYR B 228 0.10 -8.79 -0.61
N PHE B 229 0.33 -9.92 -1.27
CA PHE B 229 0.18 -11.26 -0.71
C PHE B 229 1.31 -12.11 -1.23
N PRO B 230 1.80 -13.11 -0.46
CA PRO B 230 2.97 -13.87 -0.92
C PRO B 230 2.61 -15.05 -1.86
N PHE B 231 1.82 -14.77 -2.90
CA PHE B 231 1.22 -15.74 -3.82
C PHE B 231 1.28 -15.11 -5.18
N GLY B 232 1.86 -15.79 -6.13
CA GLY B 232 1.74 -15.38 -7.51
C GLY B 232 1.42 -16.64 -8.28
N VAL B 233 0.73 -16.44 -9.43
CA VAL B 233 0.51 -17.57 -10.32
C VAL B 233 1.74 -17.75 -11.25
N ARG B 234 2.29 -18.95 -11.30
CA ARG B 234 3.58 -19.22 -12.01
C ARG B 234 3.41 -20.42 -12.92
N GLU B 235 4.28 -20.54 -13.91
CA GLU B 235 4.36 -21.76 -14.76
C GLU B 235 4.63 -22.98 -13.89
N ASP B 236 3.64 -23.85 -13.78
CA ASP B 236 3.84 -25.18 -13.14
C ASP B 236 4.47 -26.20 -14.08
N GLY B 248 -5.41 -27.50 -19.68
CA GLY B 248 -5.03 -26.11 -19.54
C GLY B 248 -4.82 -25.60 -18.11
N ARG B 249 -4.25 -26.46 -17.25
CA ARG B 249 -3.71 -26.06 -15.90
C ARG B 249 -2.17 -26.34 -15.73
N TYR B 250 -1.41 -25.64 -16.60
CA TYR B 250 0.05 -25.46 -16.57
C TYR B 250 0.47 -24.34 -15.58
N LYS B 251 -0.49 -23.67 -14.97
CA LYS B 251 -0.21 -22.46 -14.18
C LYS B 251 -0.79 -22.67 -12.80
N VAL B 252 -0.06 -22.31 -11.75
CA VAL B 252 -0.58 -22.48 -10.37
C VAL B 252 -0.17 -21.35 -9.43
N THR B 253 -0.97 -21.11 -8.39
CA THR B 253 -0.55 -20.29 -7.25
C THR B 253 0.64 -20.89 -6.54
N SER B 254 1.73 -20.14 -6.41
CA SER B 254 2.89 -20.61 -5.66
C SER B 254 3.43 -19.54 -4.73
N THR B 255 3.93 -19.92 -3.57
CA THR B 255 4.44 -18.95 -2.59
C THR B 255 5.70 -18.19 -3.03
N ALA B 256 5.90 -17.00 -2.49
CA ALA B 256 7.04 -16.17 -2.87
C ALA B 256 8.07 -16.04 -1.69
N ALA B 257 8.41 -17.22 -1.12
CA ALA B 257 9.48 -17.43 -0.09
C ALA B 257 10.87 -16.88 -0.52
N ASP B 258 10.94 -16.30 -1.72
CA ASP B 258 12.07 -15.48 -2.16
C ASP B 258 12.08 -14.11 -1.43
N LYS B 259 11.03 -13.32 -1.64
CA LYS B 259 10.74 -12.15 -0.81
C LYS B 259 9.83 -11.16 -1.55
N TYR B 260 9.36 -11.55 -2.74
CA TYR B 260 8.31 -10.85 -3.54
C TYR B 260 6.88 -11.09 -3.05
N VAL B 261 6.07 -10.06 -3.20
CA VAL B 261 4.68 -10.20 -2.90
C VAL B 261 4.02 -9.66 -4.12
N PHE B 262 2.79 -10.07 -4.33
CA PHE B 262 2.03 -9.68 -5.48
C PHE B 262 0.79 -9.00 -5.00
N ARG B 263 0.45 -7.95 -5.77
CA ARG B 263 -0.80 -7.22 -5.59
C ARG B 263 -1.95 -8.13 -5.97
N SER B 264 -2.98 -8.16 -5.12
CA SER B 264 -4.21 -8.75 -5.47
C SER B 264 -5.09 -7.72 -6.18
N PRO B 265 -5.37 -7.90 -7.49
CA PRO B 265 -5.91 -6.75 -8.21
C PRO B 265 -7.38 -6.53 -8.03
N SER B 266 -7.81 -5.32 -8.35
CA SER B 266 -9.19 -5.00 -8.43
C SER B 266 -9.79 -5.92 -9.51
N LEU B 267 -10.97 -6.44 -9.25
CA LEU B 267 -11.59 -7.24 -10.22
C LEU B 267 -12.64 -6.46 -10.94
N ARG B 268 -12.70 -5.14 -10.80
CA ARG B 268 -13.72 -4.40 -11.60
C ARG B 268 -13.29 -4.44 -13.05
N ASN B 269 -14.33 -4.60 -13.91
CA ASN B 269 -14.16 -4.75 -15.35
C ASN B 269 -13.27 -5.90 -15.75
N VAL B 270 -13.08 -6.87 -14.85
CA VAL B 270 -12.26 -8.02 -15.17
C VAL B 270 -12.69 -8.76 -16.47
N ALA B 271 -14.01 -8.80 -16.75
CA ALA B 271 -14.48 -9.56 -17.96
C ALA B 271 -13.89 -8.97 -19.23
N ILE B 272 -13.47 -7.69 -19.17
CA ILE B 272 -13.01 -7.04 -20.41
C ILE B 272 -11.51 -6.62 -20.36
N THR B 273 -10.73 -7.20 -19.44
CA THR B 273 -9.31 -6.79 -19.41
C THR B 273 -8.38 -8.01 -19.50
N MET B 274 -8.79 -9.03 -20.24
CA MET B 274 -7.98 -10.18 -20.47
C MET B 274 -6.72 -9.75 -21.21
N PRO B 275 -5.64 -10.53 -21.16
CA PRO B 275 -5.44 -11.76 -20.42
C PRO B 275 -5.12 -11.44 -18.93
N TYR B 276 -4.94 -12.45 -18.11
CA TYR B 276 -4.99 -12.32 -16.68
C TYR B 276 -3.67 -12.61 -15.97
N PHE B 277 -3.58 -12.10 -14.74
CA PHE B 277 -2.39 -12.28 -13.88
C PHE B 277 -1.20 -11.43 -14.29
N HIS B 278 -0.23 -11.36 -13.41
CA HIS B 278 0.77 -10.34 -13.55
C HIS B 278 1.52 -10.43 -14.88
N SER B 279 1.63 -11.64 -15.42
CA SER B 279 2.35 -11.91 -16.65
C SER B 279 1.39 -11.97 -17.84
N GLY B 280 0.09 -11.86 -17.62
CA GLY B 280 -0.86 -11.93 -18.73
C GLY B 280 -0.94 -13.29 -19.39
N LYS B 281 -0.54 -14.36 -18.71
CA LYS B 281 -0.41 -15.62 -19.42
C LYS B 281 -1.67 -16.44 -19.48
N VAL B 282 -2.66 -16.12 -18.65
CA VAL B 282 -3.89 -16.91 -18.64
C VAL B 282 -4.95 -16.07 -19.34
N TRP B 283 -5.33 -16.53 -20.54
CA TRP B 283 -6.28 -15.76 -21.35
C TRP B 283 -7.71 -15.79 -20.95
N LYS B 284 -8.19 -16.89 -20.39
CA LYS B 284 -9.62 -17.09 -20.15
C LYS B 284 -9.91 -16.84 -18.69
N LEU B 285 -10.90 -15.99 -18.38
CA LEU B 285 -11.29 -15.68 -17.02
C LEU B 285 -11.56 -16.89 -16.20
N LYS B 286 -12.30 -17.82 -16.79
CA LYS B 286 -12.71 -19.06 -16.11
C LYS B 286 -11.49 -19.88 -15.69
N ASP B 287 -10.46 -19.94 -16.53
CA ASP B 287 -9.18 -20.53 -16.10
C ASP B 287 -8.50 -19.78 -14.92
N ALA B 288 -8.58 -18.44 -14.91
CA ALA B 288 -8.01 -17.62 -13.83
C ALA B 288 -8.77 -17.91 -12.54
N VAL B 289 -10.10 -18.01 -12.64
CA VAL B 289 -10.90 -18.41 -11.50
C VAL B 289 -10.45 -19.81 -10.96
N LYS B 290 -10.43 -20.82 -11.83
CA LYS B 290 -10.05 -22.17 -11.35
C LYS B 290 -8.68 -22.14 -10.68
N ILE B 291 -7.72 -21.48 -11.32
CA ILE B 291 -6.41 -21.35 -10.74
C ILE B 291 -6.52 -20.76 -9.33
N MET B 292 -7.38 -19.76 -9.15
CA MET B 292 -7.54 -19.13 -7.83
C MET B 292 -8.21 -20.04 -6.81
N GLY B 293 -8.92 -21.07 -7.26
CA GLY B 293 -9.34 -22.19 -6.39
C GLY B 293 -8.10 -22.96 -5.96
N SER B 294 -7.20 -22.34 -5.19
CA SER B 294 -6.00 -23.07 -4.78
C SER B 294 -6.06 -23.60 -3.32
N ALA B 295 -5.65 -24.85 -3.13
CA ALA B 295 -5.58 -25.44 -1.79
C ALA B 295 -4.57 -24.64 -0.94
N GLN B 296 -3.55 -24.13 -1.62
CA GLN B 296 -2.56 -23.19 -1.10
C GLN B 296 -3.18 -21.90 -0.52
N LEU B 297 -4.43 -21.64 -0.84
CA LEU B 297 -5.17 -20.52 -0.28
C LEU B 297 -6.38 -21.06 0.48
N GLY B 298 -6.36 -22.36 0.78
CA GLY B 298 -7.46 -23.03 1.47
C GLY B 298 -8.74 -23.04 0.65
N ILE B 299 -8.62 -23.27 -0.66
CA ILE B 299 -9.80 -23.21 -1.48
C ILE B 299 -9.89 -24.34 -2.51
N SER B 300 -11.00 -25.06 -2.51
CA SER B 300 -11.36 -25.84 -3.71
C SER B 300 -12.79 -25.51 -4.20
N ILE B 301 -12.92 -25.48 -5.51
CA ILE B 301 -14.19 -25.18 -6.15
C ILE B 301 -14.38 -26.19 -7.25
N THR B 302 -15.63 -26.56 -7.49
CA THR B 302 -15.93 -27.44 -8.61
C THR B 302 -15.86 -26.64 -9.91
N ASP B 303 -16.04 -27.30 -11.04
CA ASP B 303 -16.07 -26.60 -12.33
C ASP B 303 -17.39 -25.81 -12.44
N ALA B 304 -18.48 -26.42 -11.96
CA ALA B 304 -19.76 -25.74 -11.77
C ALA B 304 -19.58 -24.48 -10.93
N ASP B 305 -18.82 -24.59 -9.84
CA ASP B 305 -18.51 -23.42 -9.01
C ASP B 305 -17.85 -22.28 -9.82
N ALA B 306 -16.72 -22.60 -10.45
CA ALA B 306 -16.05 -21.70 -11.37
C ALA B 306 -17.05 -20.93 -12.23
N ASP B 307 -17.96 -21.65 -12.91
CA ASP B 307 -18.91 -21.01 -13.84
C ASP B 307 -19.82 -20.00 -13.15
N LYS B 308 -20.31 -20.33 -11.96
CA LYS B 308 -21.13 -19.38 -11.18
C LYS B 308 -20.34 -18.09 -10.80
N ILE B 309 -19.07 -18.26 -10.40
CA ILE B 309 -18.18 -17.17 -10.00
C ILE B 309 -17.91 -16.26 -11.22
N VAL B 310 -17.64 -16.89 -12.37
CA VAL B 310 -17.49 -16.14 -13.61
C VAL B 310 -18.70 -15.27 -13.89
N THR B 311 -19.89 -15.84 -13.73
CA THR B 311 -21.16 -15.15 -13.93
C THR B 311 -21.27 -13.93 -13.03
N PHE B 312 -20.91 -14.10 -11.76
CA PHE B 312 -20.78 -12.97 -10.86
C PHE B 312 -19.73 -11.92 -11.32
N LEU B 313 -18.53 -12.38 -11.71
CA LEU B 313 -17.49 -11.46 -12.15
C LEU B 313 -17.92 -10.64 -13.35
N ASN B 314 -18.79 -11.22 -14.21
CA ASN B 314 -19.30 -10.48 -15.37
C ASN B 314 -20.20 -9.30 -14.96
N THR B 315 -20.77 -9.34 -13.74
CA THR B 315 -21.56 -8.18 -13.20
C THR B 315 -20.69 -6.99 -12.75
N LEU B 316 -19.38 -7.08 -12.86
CA LEU B 316 -18.50 -6.01 -12.38
C LEU B 316 -17.98 -5.06 -13.46
N THR B 317 -18.51 -5.18 -14.68
CA THR B 317 -18.21 -4.21 -15.74
C THR B 317 -19.02 -2.94 -15.60
N GLY B 318 -18.39 -1.79 -15.38
CA GLY B 318 -19.19 -0.54 -15.20
C GLY B 318 -19.41 0.22 -16.52
N ALA B 319 -20.03 1.40 -16.46
CA ALA B 319 -20.19 2.24 -17.66
C ALA B 319 -18.80 2.71 -18.08
N GLN B 320 -18.44 2.49 -19.36
CA GLN B 320 -17.08 2.82 -19.82
C GLN B 320 -17.03 4.30 -20.16
N PRO B 321 -16.06 5.05 -19.59
CA PRO B 321 -16.04 6.49 -19.84
C PRO B 321 -15.99 6.79 -21.35
N LYS B 322 -16.69 7.86 -21.72
CA LYS B 322 -16.69 8.35 -23.13
C LYS B 322 -15.67 9.48 -23.22
N VAL B 323 -14.53 9.21 -23.83
CA VAL B 323 -13.45 10.17 -23.78
C VAL B 323 -13.24 10.77 -25.18
N MET B 324 -13.33 12.11 -25.28
CA MET B 324 -13.05 12.83 -26.53
C MET B 324 -11.57 12.74 -26.86
N HIS B 325 -11.23 12.22 -28.06
CA HIS B 325 -9.85 12.27 -28.44
C HIS B 325 -9.41 13.74 -28.63
N PRO B 326 -8.30 14.18 -27.97
CA PRO B 326 -7.91 15.61 -28.04
C PRO B 326 -7.29 15.98 -29.37
N VAL B 327 -7.39 17.27 -29.67
CA VAL B 327 -6.67 17.87 -30.77
C VAL B 327 -5.39 18.41 -30.16
N LEU B 328 -4.24 17.94 -30.60
CA LEU B 328 -2.97 18.21 -29.94
C LEU B 328 -2.22 19.33 -30.64
N PRO B 329 -1.50 20.17 -29.87
CA PRO B 329 -0.81 21.26 -30.54
C PRO B 329 0.37 20.71 -31.39
N PRO B 330 0.66 21.36 -32.54
CA PRO B 330 1.65 20.86 -33.48
C PRO B 330 3.09 21.07 -33.06
N ASN B 331 4.01 20.24 -33.55
CA ASN B 331 5.43 20.50 -33.34
C ASN B 331 5.86 21.88 -33.75
N SER B 332 6.96 22.40 -33.23
CA SER B 332 7.66 23.47 -33.91
C SER B 332 8.82 22.85 -34.69
N ASP B 333 9.60 23.67 -35.36
CA ASP B 333 10.75 23.14 -36.07
C ASP B 333 11.86 22.63 -35.16
N ASP B 334 11.87 23.06 -33.91
CA ASP B 334 12.85 22.57 -32.98
C ASP B 334 12.34 21.43 -32.14
N THR B 335 11.20 20.86 -32.44
CA THR B 335 10.77 19.69 -31.65
C THR B 335 11.76 18.53 -31.89
N PRO B 336 12.32 17.86 -30.85
CA PRO B 336 13.22 16.72 -31.15
C PRO B 336 12.62 15.72 -32.18
N ARG B 337 13.49 15.11 -33.00
CA ARG B 337 13.05 14.05 -33.92
C ARG B 337 12.61 12.77 -33.15
N PRO B 338 11.70 11.93 -33.71
CA PRO B 338 11.53 10.58 -33.14
C PRO B 338 12.80 9.78 -33.20
N VAL B 339 12.98 8.87 -32.28
CA VAL B 339 14.01 7.85 -32.43
C VAL B 339 13.39 6.49 -32.84
N SER B 340 14.22 5.62 -33.40
CA SER B 340 13.79 4.25 -33.76
C SER B 340 14.91 3.25 -33.54
FE HEC C . 5.07 8.33 14.93
CHA HEC C . 3.03 6.44 12.97
CHB HEC C . 7.85 7.38 13.01
CHC HEC C . 6.89 10.81 16.36
CHD HEC C . 2.54 8.86 17.17
NA HEC C . 5.38 7.14 13.34
C1A HEC C . 4.39 6.39 12.74
C2A HEC C . 5.05 5.51 11.84
C3A HEC C . 6.39 5.79 11.84
C4A HEC C . 6.59 6.86 12.73
CMA HEC C . 7.48 5.11 10.98
CAA HEC C . 4.38 4.46 10.96
CBA HEC C . 4.89 3.11 11.46
CGA HEC C . 4.26 1.99 10.61
O1A HEC C . 4.66 1.76 9.42
O2A HEC C . 3.34 1.27 11.16
NB HEC C . 7.19 8.99 14.72
C1B HEC C . 8.04 8.50 13.86
C2B HEC C . 9.22 9.28 13.99
C3B HEC C . 8.95 10.28 14.91
C4B HEC C . 7.56 10.08 15.38
CMB HEC C . 10.50 9.01 13.24
CAB HEC C . 9.79 11.36 15.36
CBB HEC C . 9.88 12.35 14.39
NC HEC C . 4.76 9.59 16.54
C1C HEC C . 5.66 10.49 16.99
C2C HEC C . 5.15 11.01 18.21
C3C HEC C . 3.89 10.46 18.41
C4C HEC C . 3.67 9.60 17.32
CMC HEC C . 5.90 12.00 19.09
CAC HEC C . 2.91 10.65 19.51
CBC HEC C . 2.63 11.91 19.98
ND HEC C . 3.24 7.80 15.08
C1D HEC C . 2.35 8.12 16.03
C2D HEC C . 1.02 7.55 15.76
C3D HEC C . 1.13 6.94 14.55
C4D HEC C . 2.55 7.10 14.13
CMD HEC C . -0.26 7.74 16.59
CAD HEC C . 0.04 6.19 13.80
CBD HEC C . -0.46 7.23 12.76
CGD HEC C . -1.62 6.65 11.94
O1D HEC C . -1.49 5.61 11.27
O2D HEC C . -2.78 7.11 11.90
FE HEC D . -6.17 -9.64 12.36
CHA HEC D . -5.71 -6.63 13.91
CHB HEC D . -4.73 -11.31 15.08
CHC HEC D . -7.54 -12.63 11.24
CHD HEC D . -7.14 -8.10 9.46
NA HEC D . -5.29 -9.07 14.09
C1A HEC D . -5.22 -7.77 14.56
C2A HEC D . -4.55 -7.75 15.80
C3A HEC D . -4.27 -9.07 16.09
C4A HEC D . -4.80 -9.89 15.08
CMA HEC D . -3.57 -9.60 17.33
CAA HEC D . -4.17 -6.48 16.62
CBA HEC D . -2.64 -6.33 16.65
CGA HEC D . -2.09 -4.94 16.91
O1A HEC D . -2.84 -4.02 17.31
O2A HEC D . -0.87 -4.68 16.75
NB HEC D . -6.08 -11.78 13.07
C1B HEC D . -5.52 -12.15 14.23
C2B HEC D . -5.85 -13.54 14.37
C3B HEC D . -6.63 -13.89 13.30
C4B HEC D . -6.84 -12.69 12.48
CMB HEC D . -5.38 -14.43 15.46
CAB HEC D . -7.24 -15.22 13.00
CBB HEC D . -8.37 -15.54 13.70
NC HEC D . -7.09 -10.26 10.59
C1C HEC D . -7.57 -11.53 10.35
C2C HEC D . -8.08 -11.55 9.03
C3C HEC D . -7.94 -10.25 8.50
C4C HEC D . -7.38 -9.45 9.54
CMC HEC D . -8.60 -12.80 8.34
CAC HEC D . -8.33 -9.69 7.15
CBC HEC D . -9.48 -10.04 6.59
ND HEC D . -6.29 -7.85 11.78
C1D HEC D . -6.86 -7.38 10.62
C2D HEC D . -7.00 -5.90 10.62
C3D HEC D . -6.59 -5.53 11.86
C4D HEC D . -6.23 -6.75 12.60
CMD HEC D . -7.49 -5.00 9.49
CAD HEC D . -6.56 -4.14 12.46
CBD HEC D . -7.98 -3.88 13.07
CGD HEC D . -8.05 -2.52 13.77
O1D HEC D . -9.14 -1.92 14.03
O2D HEC D . -6.94 -1.97 14.06
CA CA E . -0.33 -1.43 20.15
S SO4 F . 30.07 8.68 6.87
O1 SO4 F . 30.34 9.12 5.47
O2 SO4 F . 30.90 9.43 7.85
O3 SO4 F . 30.39 7.23 7.03
O4 SO4 F . 28.62 8.86 7.09
S SO4 G . -14.01 3.16 17.84
O1 SO4 G . -13.12 3.62 16.73
O2 SO4 G . -13.34 2.12 18.70
O3 SO4 G . -15.27 2.62 17.26
O4 SO4 G . -14.44 4.35 18.62
S SO4 H . 20.51 -12.20 7.34
O1 SO4 H . 20.80 -10.81 6.87
O2 SO4 H . 21.78 -12.95 7.49
O3 SO4 H . 19.60 -12.90 6.37
O4 SO4 H . 19.88 -12.23 8.68
S SO4 I . 7.78 10.59 5.56
O1 SO4 I . 8.06 11.93 6.14
O2 SO4 I . 7.79 9.44 6.51
O3 SO4 I . 8.77 10.30 4.48
O4 SO4 I . 6.43 10.72 4.98
S SO4 J . 1.78 -18.75 26.68
O1 SO4 J . 3.00 -18.79 25.79
O2 SO4 J . 2.23 -19.11 28.06
O3 SO4 J . 0.79 -19.73 26.23
O4 SO4 J . 1.04 -17.47 26.67
S SO4 K . 21.40 -3.02 28.01
O1 SO4 K . 22.60 -3.32 27.20
O2 SO4 K . 21.67 -3.57 29.36
O3 SO4 K . 20.06 -3.56 27.55
O4 SO4 K . 21.31 -1.55 28.05
FE HEC L . 1.15 2.46 -17.60
CHA HEC L . 1.09 0.63 -14.75
CHB HEC L . -0.62 5.05 -16.07
CHC HEC L . 1.98 4.58 -20.17
CHD HEC L . 2.37 -0.19 -19.33
NA HEC L . 0.36 2.75 -15.78
C1A HEC L . 0.41 1.85 -14.75
C2A HEC L . -0.40 2.32 -13.73
C3A HEC L . -0.89 3.55 -14.10
C4A HEC L . -0.36 3.86 -15.37
CMA HEC L . -1.80 4.53 -13.31
CAA HEC L . -0.69 1.66 -12.37
CBA HEC L . -2.13 1.18 -12.49
CGA HEC L . -2.66 0.63 -11.19
O1A HEC L . -2.93 1.30 -10.14
O2A HEC L . -2.87 -0.59 -11.24
NB HEC L . 0.70 4.60 -18.10
C1B HEC L . 0.07 5.41 -17.26
C2B HEC L . 0.08 6.68 -17.91
C3B HEC L . 0.83 6.56 -19.07
C4B HEC L . 1.29 5.16 -19.14
CMB HEC L . -0.60 7.92 -17.33
CAB HEC L . 1.23 7.59 -20.03
CBB HEC L . 2.14 8.52 -19.50
NC HEC L . 1.97 2.21 -19.45
C1C HEC L . 2.20 3.21 -20.36
C2C HEC L . 2.63 2.62 -21.59
C3C HEC L . 2.73 1.26 -21.35
C4C HEC L . 2.39 1.04 -19.97
CMC HEC L . 2.86 3.41 -22.87
CAC HEC L . 3.18 0.21 -22.27
CBC HEC L . 4.29 0.32 -23.03
ND HEC L . 1.59 0.64 -17.15
C1D HEC L . 2.13 -0.30 -17.96
C2D HEC L . 2.43 -1.53 -17.23
C3D HEC L . 2.08 -1.31 -15.94
C4D HEC L . 1.60 0.09 -15.91
CMD HEC L . 3.04 -2.80 -17.84
CAD HEC L . 2.20 -2.30 -14.79
CBD HEC L . 3.51 -1.92 -14.08
CGD HEC L . 3.76 -2.76 -12.83
O1D HEC L . 2.94 -2.73 -11.89
O2D HEC L . 4.81 -3.50 -12.77
FE HEC M . -7.36 -13.72 -6.55
CHA HEC M . -5.50 -12.58 -9.10
CHB HEC M . -10.08 -14.21 -8.64
CHC HEC M . -8.86 -15.62 -4.14
CHD HEC M . -4.95 -12.84 -4.36
NA HEC M . -7.74 -13.37 -8.50
C1A HEC M . -6.81 -12.90 -9.38
C2A HEC M . -7.45 -12.74 -10.64
C3A HEC M . -8.75 -13.23 -10.53
C4A HEC M . -8.91 -13.66 -9.20
CMA HEC M . -9.82 -13.29 -11.63
CAA HEC M . -6.78 -12.17 -11.91
CBA HEC M . -7.30 -10.73 -12.09
CGA HEC M . -6.55 -9.91 -13.11
O1A HEC M . -5.56 -10.39 -13.69
O2A HEC M . -6.90 -8.71 -13.37
NB HEC M . -9.36 -14.76 -6.39
C1B HEC M . -10.17 -14.87 -7.41
C2B HEC M . -11.22 -15.75 -6.94
C3B HEC M . -10.86 -16.16 -5.65
C4B HEC M . -9.58 -15.53 -5.35
CMB HEC M . -12.47 -16.10 -7.71
CAB HEC M . -11.57 -17.10 -4.77
CBB HEC M . -11.64 -18.34 -5.30
NC HEC M . -7.01 -14.09 -4.54
C1C HEC M . -7.73 -14.88 -3.72
C2C HEC M . -7.15 -14.81 -2.40
C3C HEC M . -6.02 -13.99 -2.50
C4C HEC M . -5.94 -13.61 -3.88
CMC HEC M . -7.66 -15.51 -1.12
CAC HEC M . -5.01 -13.57 -1.49
CBC HEC M . -4.65 -14.40 -0.47
ND HEC M . -5.66 -12.85 -6.69
C1D HEC M . -4.75 -12.69 -5.71
C2D HEC M . -3.46 -12.17 -6.17
C3D HEC M . -3.61 -12.10 -7.52
C4D HEC M . -4.99 -12.56 -7.81
CMD HEC M . -2.25 -11.81 -5.27
CAD HEC M . -2.59 -11.65 -8.56
CBD HEC M . -1.70 -12.90 -8.83
CGD HEC M . -0.82 -12.83 -10.08
O1D HEC M . 0.21 -13.58 -10.25
O2D HEC M . -1.09 -11.97 -10.93
CA CA N . -5.36 -8.00 -17.71
S SO4 O . 3.32 9.07 -10.06
O1 SO4 O . 4.58 9.06 -10.86
O2 SO4 O . 3.56 8.88 -8.60
O3 SO4 O . 2.37 8.03 -10.55
O4 SO4 O . 2.65 10.38 -10.28
S SO4 P . -22.40 8.18 -6.02
O1 SO4 P . -21.52 9.37 -6.25
O2 SO4 P . -21.97 7.38 -4.83
O3 SO4 P . -22.38 7.35 -7.24
O4 SO4 P . -23.80 8.64 -5.82
S SO4 Q . -19.30 5.70 -28.81
O1 SO4 Q . -18.29 6.79 -28.69
O2 SO4 Q . -18.92 4.49 -28.00
O3 SO4 Q . -19.41 5.21 -30.23
O4 SO4 Q . -20.55 6.41 -28.39
S SO4 R . 5.90 -16.72 -14.67
O1 SO4 R . 6.43 -16.79 -16.05
O2 SO4 R . 6.48 -17.83 -13.87
O3 SO4 R . 4.42 -16.88 -14.73
O4 SO4 R . 6.31 -15.40 -14.08
S SO4 S . -9.67 26.64 -15.37
O1 SO4 S . -8.34 27.16 -15.76
O2 SO4 S . -9.59 25.18 -15.11
O3 SO4 S . -10.68 26.90 -16.43
O4 SO4 S . -10.03 27.32 -14.10
#